data_6R4O
#
_entry.id   6R4O
#
loop_
_entity.id
_entity.type
_entity.pdbx_description
1 polymer 'Adenylate cyclase 9'
2 polymer 'Guanine nucleotide-binding protein G(s) subunit alpha isoforms short'
3 non-polymer "3'-O-(N-METHYLANTHRANILOYL)-GUANOSINE-5'-TRIPHOSPHATE"
4 non-polymer FORSKOLIN
5 non-polymer 'MANGANESE (II) ION'
6 non-polymer "5'-GUANOSINE-DIPHOSPHATE-MONOTHIOPHOSPHATE"
7 non-polymer 'MAGNESIUM ION'
#
loop_
_entity_poly.entity_id
_entity_poly.type
_entity_poly.pdbx_seq_one_letter_code
_entity_poly.pdbx_strand_id
1 'polypeptide(L)'
;MASPPHQQLLQHHSTEVSCDSSGDSNSVRVRINPKQPSSNSHPKHCKYSISSSCSSSGDSGGVPRRMGAGGRLRRRKKLP
QLFERASSRWWDPKFDSVNLEEACMERCFPQTQRRFRYALFYIGFACLLWSIYFGVHMKSKLIVMVAPALCFLVVCVGFF
LFTFTKLYARHYVWTSLVLTLLVFALTLAAQFQVLTPLSGRVDNFNHTRAARPTDTCLSQVGSFSMCIEVLFLLYTVMHL
PLYLSLILGVAYSVLFETFGYHFQDEACFASPGAEALHWELLSRALLHLCIHAIGIHLFIMSQVRSRSTFLKVGQSIMHG
KDLEVEKALKERMIHSVMPRIIADDLMKQGDEESENSVKRHATSSPKNRKKKSSIQKAPIAFRPFKMQQIEEVSILFADI
VGFTKMSANKSAHALVGLLNDLFGRFDRLCEETKCEKISTLGDCYYCVAGCPEPRADHAYCCIEMGLGMIRAIEQFCQEK
KEMVNMRVGVHTGTVLCGILGMRRFKFDVWSNDVNLANLMEQLGVAGKVHISEATAKYLDDRYEMEDGKVTERLGQSVVA
DQLKGLKTYLIAGQRAKESHCSCSEALLSGFEVLDGSRVSSGPRGQGTASPGSVSDLAQTVKTFDNLKTCPSCGITFTPK
PEAGAEGGAVQNGCQEEPKNSAKASGGPSSKTQNGLLSPPPEEKLTNSQTSLCEILQEKGRWAGVSLDQSALLPLRFKNI
REKTDAHFVDVIKEDSLMKDYFFKPPINQFSLNFLDPELERAYRTSYQEEVVKSSPVRTFASATFSSLLDVLLSTTVFLI
LSITCFLRYGAASTPPPPAALAVFGAALLLEILSLVVSVRMVFFLEDVMTCTKRLLEWIAGWLPRHFIGAILVSLPALAV
YSHVTSEFETNIHSTMFTGSAVLTAVVQYCNFCQLSSWMRSSLATVVGAGPLLLLLYVSLCPDSSTVISHLDAVQNFSST
RKLCNASLPHDGRSPASLIGQEVILVFFLLLLLVWFLNREFEVSYRLHYHGDVEADLHRTKIQSMRDQADWLLRNIIPYH
VAEQLKVSQTYSKNHDSGGVIFASIVNFSEFYEENYEGGKECYRVLNELIGDFDELLSKPDYSSIEKIKTIGATYMAASG
LNATQCRDGSHPQEHLQILFEFAKEMMRVVDDFNNNMLWFNFKLRVGFNHGPLTAGVIGTTKLLYDIWGDTVNIASRMDT
TGVECRIQVSEESYRVLSKMGYEFDYRGTVNVKGKGQMKTYLYPKCTDSGAAALEVLFQGPGGVSKGEELFTGVVPILVE
LDGDVNGHKFSVSGEGEGDATYGKLTLKFICTTGKLPVPWPTLVTTFGYGLQCFARYPDHMKQHDFFKSAMPEGYVQERT
IFFKDDGNYKTRAEVKFEGDTLVNRIELKGIDFKEDGNILGHKLEYNYNSHNVYIMADKQKNGIKVNFKIRHNIEDGSVQ
LADHYQQNTPIGDGPVLLPDNHYLSYQSALSKDPNEKRDHMVLLEFVTAAGITLGMDELYKAASAWSHPQFEKGGGSGGG
SGGSAWSHPQFEK
;
A
2 'polypeptide(L)'
;MGCLGNSKTEDQRNEEKAQREANKKIEKQLQKDKQVYRATHRLLLLGAGESGKSTIVKQMRILHVNGFNGGEGGEEDPNA
AKSNSDGEKATKVQDIKNNLKEAIETIVAAMSNLVPPVELANPENQFRVDYILSVMNVPDFDFPPEFYEHAKALWEDEGV
RACYERSNEYQLIDCAQYFLDKIDVIKQDDYVPSDQDLLRCRVLTSGIFETKFQVDKVNFHMFDVGGQRDERRKWIQCFN
DVTAIIFVVASSSYNMVIREDNQTNRLQEALNLFKSIWNNRWLRTISVILFLNKQDLLAEKVLAGKSKIEDYFPEFARYT
TPEDATPEPGEDPRVTRAKYFIRDEFLRISTASGDGRHYCYPHFTCAVDTENIRRVFNDCRDIIQRMHLRQYELLGGHHH
HHHHH
;
B
#
# COMPACT_ATOMS: atom_id res chain seq x y z
N SER A 97 -0.56 -35.88 19.10
CA SER A 97 -1.17 -36.51 20.24
C SER A 97 -1.06 -38.03 20.17
N VAL A 98 -2.16 -38.70 19.80
CA VAL A 98 -2.20 -40.16 19.80
C VAL A 98 -2.57 -40.68 18.42
N ASN A 99 -3.77 -40.34 17.95
CA ASN A 99 -4.29 -40.90 16.70
C ASN A 99 -3.63 -40.26 15.49
N LEU A 100 -3.38 -38.97 15.55
CA LEU A 100 -2.86 -38.25 14.39
C LEU A 100 -1.39 -38.54 14.19
N GLU A 101 -0.63 -38.67 15.28
CA GLU A 101 0.75 -39.13 15.20
C GLU A 101 0.83 -40.58 14.75
N GLU A 102 -0.23 -41.35 15.00
CA GLU A 102 -0.31 -42.70 14.46
C GLU A 102 -0.52 -42.68 12.95
N ALA A 103 -1.44 -41.83 12.49
CA ALA A 103 -1.68 -41.70 11.05
C ALA A 103 -0.49 -41.09 10.32
N CYS A 104 0.36 -40.35 11.04
CA CYS A 104 1.62 -39.83 10.49
C CYS A 104 2.49 -40.95 9.94
N MET A 105 2.91 -41.85 10.81
CA MET A 105 3.69 -43.00 10.38
C MET A 105 2.86 -43.97 9.55
N GLU A 106 1.53 -43.88 9.59
CA GLU A 106 0.75 -44.58 8.58
C GLU A 106 0.98 -43.99 7.19
N ARG A 107 1.24 -42.69 7.11
CA ARG A 107 1.67 -42.14 5.82
C ARG A 107 3.18 -41.91 5.74
N CYS A 108 3.91 -42.04 6.84
CA CYS A 108 5.36 -42.12 6.77
C CYS A 108 5.83 -43.56 6.69
N PHE A 109 4.90 -44.48 6.57
CA PHE A 109 5.09 -45.87 6.18
C PHE A 109 6.00 -46.08 4.96
N PRO A 110 5.77 -45.45 3.76
CA PRO A 110 6.53 -45.90 2.58
C PRO A 110 7.97 -45.44 2.57
N GLN A 111 8.29 -44.37 3.31
CA GLN A 111 9.66 -43.88 3.30
C GLN A 111 10.53 -44.63 4.30
N THR A 112 9.96 -45.01 5.46
CA THR A 112 10.62 -45.93 6.37
C THR A 112 10.75 -47.30 5.73
N GLN A 113 9.72 -47.68 4.97
CA GLN A 113 9.79 -48.85 4.10
C GLN A 113 10.93 -48.74 3.11
N ARG A 114 11.17 -47.53 2.59
CA ARG A 114 12.17 -47.36 1.54
C ARG A 114 13.58 -47.44 2.10
N ARG A 115 13.87 -46.63 3.11
CA ARG A 115 15.17 -46.66 3.77
C ARG A 115 15.42 -47.99 4.45
N PHE A 116 14.35 -48.68 4.86
CA PHE A 116 14.44 -50.01 5.43
C PHE A 116 14.78 -51.05 4.39
N ARG A 117 14.22 -50.91 3.18
CA ARG A 117 14.58 -51.78 2.07
C ARG A 117 16.04 -51.59 1.70
N TYR A 118 16.54 -50.35 1.72
CA TYR A 118 17.97 -50.23 1.44
C TYR A 118 18.84 -50.53 2.65
N ALA A 119 18.25 -50.61 3.84
CA ALA A 119 18.95 -51.24 4.94
C ALA A 119 19.09 -52.73 4.71
N LEU A 120 18.07 -53.35 4.10
CA LEU A 120 18.18 -54.75 3.71
C LEU A 120 19.23 -54.92 2.62
N PHE A 121 19.33 -53.94 1.73
CA PHE A 121 20.43 -53.87 0.77
C PHE A 121 21.77 -53.79 1.47
N TYR A 122 21.82 -53.11 2.61
CA TYR A 122 23.05 -53.11 3.39
C TYR A 122 23.27 -54.45 4.07
N ILE A 123 22.19 -55.19 4.35
CA ILE A 123 22.34 -56.50 4.98
C ILE A 123 22.90 -57.51 4.00
N GLY A 124 22.37 -57.52 2.77
CA GLY A 124 22.94 -58.36 1.73
C GLY A 124 24.33 -57.90 1.33
N PHE A 125 24.62 -56.62 1.50
CA PHE A 125 25.99 -56.12 1.37
C PHE A 125 26.88 -56.74 2.45
N ALA A 126 26.35 -56.90 3.67
CA ALA A 126 27.13 -57.49 4.76
C ALA A 126 27.36 -58.99 4.52
N CYS A 127 26.33 -59.71 4.10
CA CYS A 127 26.52 -61.13 3.79
C CYS A 127 27.41 -61.31 2.57
N LEU A 128 27.42 -60.32 1.67
CA LEU A 128 28.33 -60.35 0.54
C LEU A 128 29.78 -60.21 1.00
N LEU A 129 30.04 -59.33 1.98
CA LEU A 129 31.42 -59.17 2.42
C LEU A 129 31.89 -60.30 3.32
N TRP A 130 30.98 -60.92 4.09
CA TRP A 130 31.31 -62.18 4.74
C TRP A 130 31.60 -63.27 3.70
N SER A 131 30.91 -63.22 2.57
CA SER A 131 31.12 -64.22 1.52
C SER A 131 32.46 -64.04 0.83
N ILE A 132 32.95 -62.81 0.70
CA ILE A 132 34.25 -62.66 0.03
C ILE A 132 35.39 -62.93 1.02
N TYR A 133 35.23 -62.50 2.28
CA TYR A 133 36.30 -62.73 3.25
C TYR A 133 36.43 -64.20 3.61
N PHE A 134 35.31 -64.90 3.72
CA PHE A 134 35.38 -66.34 3.80
C PHE A 134 35.31 -66.99 2.43
N GLY A 135 35.55 -66.25 1.35
CA GLY A 135 35.48 -66.81 0.02
C GLY A 135 36.81 -66.94 -0.71
N VAL A 136 37.71 -65.99 -0.51
CA VAL A 136 38.97 -65.96 -1.23
C VAL A 136 40.17 -66.14 -0.32
N HIS A 137 40.16 -65.49 0.85
CA HIS A 137 41.39 -65.24 1.62
C HIS A 137 41.88 -66.45 2.39
N MET A 138 41.13 -66.91 3.39
CA MET A 138 41.57 -67.97 4.28
C MET A 138 40.30 -68.57 4.91
N LYS A 139 40.49 -69.35 5.99
CA LYS A 139 39.47 -70.22 6.58
C LYS A 139 38.87 -71.17 5.55
N SER A 140 39.73 -71.87 4.83
CA SER A 140 39.28 -72.89 3.89
C SER A 140 39.27 -74.27 4.56
N LYS A 141 39.04 -74.28 5.88
CA LYS A 141 39.03 -75.51 6.67
C LYS A 141 37.65 -75.92 7.14
N LEU A 142 36.71 -74.98 7.30
CA LEU A 142 35.34 -75.34 7.59
C LEU A 142 34.44 -74.28 6.95
N ILE A 143 33.43 -74.74 6.20
CA ILE A 143 32.62 -73.88 5.35
C ILE A 143 31.29 -73.64 6.07
N VAL A 144 31.33 -73.74 7.41
CA VAL A 144 30.16 -73.55 8.27
C VAL A 144 29.64 -72.11 8.21
N MET A 145 30.50 -71.17 7.81
CA MET A 145 30.18 -69.75 7.84
C MET A 145 29.09 -69.40 6.83
N VAL A 146 29.12 -70.01 5.64
CA VAL A 146 28.46 -69.42 4.49
C VAL A 146 26.93 -69.61 4.51
N ALA A 147 26.44 -70.71 5.07
CA ALA A 147 25.01 -71.05 4.98
C ALA A 147 24.06 -70.13 5.78
N PRO A 148 24.36 -69.69 7.02
CA PRO A 148 23.43 -68.72 7.64
C PRO A 148 23.43 -67.36 6.96
N ALA A 149 24.53 -66.99 6.31
CA ALA A 149 24.53 -65.76 5.52
C ALA A 149 23.75 -65.94 4.23
N LEU A 150 23.75 -67.16 3.66
CA LEU A 150 22.97 -67.39 2.45
C LEU A 150 21.48 -67.41 2.73
N CYS A 151 21.07 -68.07 3.83
CA CYS A 151 19.66 -68.01 4.19
C CYS A 151 19.30 -66.62 4.70
N PHE A 152 20.30 -65.87 5.17
CA PHE A 152 20.11 -64.48 5.50
C PHE A 152 19.89 -63.66 4.23
N LEU A 153 20.45 -64.11 3.10
CA LEU A 153 20.23 -63.45 1.81
C LEU A 153 18.85 -63.77 1.25
N VAL A 154 18.39 -65.01 1.40
CA VAL A 154 17.03 -65.28 0.94
C VAL A 154 16.03 -64.65 1.90
N VAL A 155 16.45 -64.36 3.14
CA VAL A 155 15.71 -63.42 3.99
C VAL A 155 15.69 -62.02 3.36
N CYS A 156 16.82 -61.61 2.74
CA CYS A 156 16.88 -60.27 2.15
C CYS A 156 15.94 -60.12 0.95
N VAL A 157 16.12 -60.93 -0.09
CA VAL A 157 15.26 -60.75 -1.27
C VAL A 157 13.87 -61.32 -1.00
N GLY A 158 13.77 -62.30 -0.10
CA GLY A 158 12.47 -62.88 0.23
C GLY A 158 11.59 -61.92 1.00
N PHE A 159 12.18 -61.16 1.92
CA PHE A 159 11.43 -60.09 2.56
C PHE A 159 11.38 -58.83 1.72
N PHE A 160 12.16 -58.75 0.63
CA PHE A 160 11.87 -57.71 -0.35
C PHE A 160 10.59 -58.04 -1.12
N LEU A 161 10.33 -59.33 -1.33
CA LEU A 161 9.01 -59.74 -1.81
C LEU A 161 7.95 -59.50 -0.75
N PHE A 162 8.25 -59.86 0.50
CA PHE A 162 7.29 -59.74 1.60
C PHE A 162 7.05 -58.28 2.00
N THR A 163 7.84 -57.34 1.46
CA THR A 163 7.59 -55.92 1.71
C THR A 163 6.29 -55.49 1.05
N PHE A 164 5.92 -56.11 -0.07
CA PHE A 164 4.76 -55.68 -0.83
C PHE A 164 3.44 -56.16 -0.27
N THR A 165 3.45 -57.10 0.68
CA THR A 165 2.22 -57.81 1.03
C THR A 165 1.31 -56.95 1.88
N LYS A 166 0.11 -57.48 2.16
CA LYS A 166 -0.95 -56.74 2.84
C LYS A 166 -1.31 -57.29 4.21
N LEU A 167 -0.77 -58.45 4.60
CA LEU A 167 -0.83 -58.92 6.00
C LEU A 167 0.35 -58.39 6.80
N TYR A 168 0.51 -57.07 6.71
CA TYR A 168 1.79 -56.40 6.86
C TYR A 168 1.72 -55.14 7.70
N ALA A 169 0.53 -54.57 7.91
CA ALA A 169 0.36 -53.27 8.56
C ALA A 169 0.71 -53.31 10.04
N ARG A 170 0.22 -54.31 10.77
CA ARG A 170 0.60 -54.52 12.16
C ARG A 170 1.72 -55.55 12.27
N HIS A 171 2.60 -55.61 11.27
CA HIS A 171 3.60 -56.65 11.18
C HIS A 171 5.01 -56.18 10.91
N TYR A 172 5.19 -55.00 10.30
CA TYR A 172 6.48 -54.68 9.72
C TYR A 172 7.52 -54.28 10.77
N VAL A 173 7.11 -53.64 11.87
CA VAL A 173 8.03 -53.42 12.97
C VAL A 173 8.37 -54.75 13.65
N TRP A 174 7.38 -55.64 13.75
CA TRP A 174 7.63 -57.00 14.22
C TRP A 174 8.44 -57.78 13.20
N THR A 175 8.33 -57.44 11.92
CA THR A 175 9.20 -58.05 10.92
C THR A 175 10.64 -57.62 11.13
N SER A 176 10.84 -56.36 11.53
CA SER A 176 12.17 -55.91 11.93
C SER A 176 12.67 -56.66 13.17
N LEU A 177 11.74 -56.97 14.09
CA LEU A 177 12.08 -57.75 15.27
C LEU A 177 12.54 -59.15 14.89
N VAL A 178 11.87 -59.77 13.92
CA VAL A 178 12.29 -61.07 13.39
C VAL A 178 13.67 -60.95 12.76
N LEU A 179 13.87 -59.89 11.98
CA LEU A 179 15.13 -59.64 11.28
C LEU A 179 16.30 -59.53 12.26
N THR A 180 16.13 -58.71 13.30
CA THR A 180 17.20 -58.54 14.27
C THR A 180 17.35 -59.72 15.22
N LEU A 181 16.33 -60.56 15.38
CA LEU A 181 16.57 -61.79 16.12
C LEU A 181 17.38 -62.78 15.30
N LEU A 182 17.17 -62.83 13.98
CA LEU A 182 18.06 -63.63 13.12
C LEU A 182 19.48 -63.06 13.09
N VAL A 183 19.59 -61.74 13.21
CA VAL A 183 20.89 -61.09 13.42
C VAL A 183 21.54 -61.62 14.70
N PHE A 184 20.77 -61.63 15.79
CA PHE A 184 21.30 -62.01 17.11
C PHE A 184 21.75 -63.45 17.12
N ALA A 185 20.94 -64.34 16.54
CA ALA A 185 21.30 -65.75 16.44
C ALA A 185 22.51 -65.96 15.55
N LEU A 186 22.64 -65.13 14.50
CA LEU A 186 23.79 -65.23 13.60
C LEU A 186 25.09 -64.89 14.31
N THR A 187 25.15 -63.72 14.94
CA THR A 187 26.43 -63.28 15.49
C THR A 187 26.76 -64.00 16.79
N LEU A 188 25.77 -64.12 17.70
CA LEU A 188 25.99 -64.85 18.93
C LEU A 188 26.27 -66.33 18.68
N ALA A 189 25.66 -66.91 17.64
CA ALA A 189 25.96 -68.30 17.32
C ALA A 189 27.36 -68.45 16.71
N ALA A 190 27.78 -67.50 15.88
CA ALA A 190 29.06 -67.67 15.20
C ALA A 190 30.25 -67.14 15.99
N GLN A 191 30.05 -66.59 17.19
CA GLN A 191 31.16 -65.94 17.89
C GLN A 191 32.17 -66.91 18.49
N PHE A 192 31.71 -67.96 19.19
CA PHE A 192 32.46 -68.52 20.32
C PHE A 192 33.70 -69.34 19.97
N GLN A 193 33.80 -69.92 18.78
CA GLN A 193 34.84 -70.92 18.51
C GLN A 193 36.24 -70.30 18.44
N VAL A 194 36.70 -69.81 19.60
CA VAL A 194 37.93 -69.07 19.75
C VAL A 194 38.69 -69.65 20.92
N LEU A 195 39.77 -68.94 21.32
CA LEU A 195 40.63 -69.22 22.48
C LEU A 195 41.46 -70.48 22.25
N THR A 196 41.63 -70.85 21.00
CA THR A 196 42.48 -71.96 20.57
C THR A 196 43.99 -71.73 20.51
N PRO A 197 44.54 -70.53 20.12
CA PRO A 197 45.98 -70.64 19.90
C PRO A 197 46.81 -70.50 21.18
N CYS A 217 42.32 -66.63 17.91
CA CYS A 217 43.07 -65.76 17.03
C CYS A 217 42.31 -64.48 16.70
N LEU A 218 40.99 -64.58 16.60
CA LEU A 218 40.17 -63.40 16.32
C LEU A 218 40.15 -62.51 17.56
N SER A 219 40.30 -61.22 17.34
CA SER A 219 40.61 -60.30 18.42
C SER A 219 39.38 -59.51 18.85
N GLN A 220 39.61 -58.50 19.70
CA GLN A 220 38.61 -57.53 20.11
C GLN A 220 37.95 -56.86 18.92
N VAL A 221 38.76 -56.58 17.89
CA VAL A 221 38.36 -55.84 16.70
C VAL A 221 37.28 -56.57 15.91
N GLY A 222 37.38 -57.90 15.79
CA GLY A 222 36.45 -58.65 14.99
C GLY A 222 35.05 -58.65 15.57
N SER A 223 34.92 -59.26 16.73
CA SER A 223 33.61 -59.40 17.37
C SER A 223 33.06 -58.05 17.81
N PHE A 224 33.93 -57.14 18.23
CA PHE A 224 33.47 -55.80 18.59
C PHE A 224 32.97 -55.06 17.38
N SER A 225 33.62 -55.24 16.23
CA SER A 225 33.19 -54.60 15.00
C SER A 225 31.84 -55.15 14.55
N MET A 226 31.65 -56.47 14.73
CA MET A 226 30.34 -57.09 14.53
C MET A 226 29.29 -56.41 15.39
N CYS A 227 29.62 -56.19 16.66
CA CYS A 227 28.65 -55.59 17.58
C CYS A 227 28.34 -54.15 17.22
N ILE A 228 29.34 -53.41 16.70
CA ILE A 228 29.12 -52.03 16.27
C ILE A 228 28.15 -51.98 15.12
N GLU A 229 28.40 -52.79 14.09
CA GLU A 229 27.55 -52.79 12.91
C GLU A 229 26.13 -53.24 13.24
N VAL A 230 26.00 -54.25 14.11
CA VAL A 230 24.70 -54.72 14.54
C VAL A 230 23.96 -53.64 15.31
N LEU A 231 24.63 -52.99 16.26
CA LEU A 231 23.97 -52.03 17.14
C LEU A 231 23.49 -50.80 16.39
N PHE A 232 24.31 -50.24 15.51
CA PHE A 232 23.79 -49.04 14.86
C PHE A 232 22.92 -49.34 13.65
N LEU A 233 23.08 -50.52 13.04
CA LEU A 233 22.04 -50.97 12.12
C LEU A 233 20.71 -51.16 12.83
N LEU A 234 20.72 -51.51 14.11
CA LEU A 234 19.47 -51.51 14.88
C LEU A 234 18.98 -50.08 15.12
N TYR A 235 19.79 -49.28 15.83
CA TYR A 235 19.30 -48.02 16.37
C TYR A 235 19.00 -46.97 15.33
N THR A 236 19.50 -47.12 14.11
CA THR A 236 19.08 -46.16 13.10
C THR A 236 17.73 -46.53 12.49
N VAL A 237 17.67 -47.65 11.78
CA VAL A 237 16.67 -47.80 10.74
C VAL A 237 15.54 -48.72 11.20
N MET A 238 15.86 -49.72 12.03
CA MET A 238 14.95 -50.83 12.30
C MET A 238 13.68 -50.43 13.03
N HIS A 239 13.60 -49.20 13.53
CA HIS A 239 12.35 -48.51 13.80
C HIS A 239 11.61 -49.16 14.98
N LEU A 240 12.38 -49.72 15.90
CA LEU A 240 11.88 -50.28 17.12
C LEU A 240 11.49 -49.15 18.07
N PRO A 241 10.72 -49.43 19.12
CA PRO A 241 10.45 -48.39 20.11
C PRO A 241 11.60 -48.14 21.08
N LEU A 242 11.31 -47.30 22.07
CA LEU A 242 12.23 -46.88 23.12
C LEU A 242 12.72 -48.06 23.96
N TYR A 243 11.76 -48.65 24.68
CA TYR A 243 12.01 -49.71 25.64
C TYR A 243 12.62 -50.94 24.98
N LEU A 244 12.18 -51.24 23.77
CA LEU A 244 12.41 -52.55 23.18
C LEU A 244 13.83 -52.62 22.64
N SER A 245 14.16 -51.70 21.75
CA SER A 245 15.53 -51.53 21.28
C SER A 245 16.49 -51.21 22.42
N LEU A 246 15.99 -50.56 23.46
CA LEU A 246 16.80 -50.26 24.63
C LEU A 246 17.30 -51.54 25.30
N ILE A 247 16.38 -52.35 25.82
CA ILE A 247 16.81 -53.50 26.62
C ILE A 247 17.35 -54.61 25.72
N LEU A 248 16.95 -54.63 24.44
CA LEU A 248 17.55 -55.57 23.49
C LEU A 248 19.01 -55.25 23.24
N GLY A 249 19.32 -53.96 23.03
CA GLY A 249 20.70 -53.58 22.83
C GLY A 249 21.56 -53.82 24.05
N VAL A 250 21.03 -53.50 25.23
CA VAL A 250 21.82 -53.67 26.45
C VAL A 250 22.04 -55.15 26.77
N ALA A 251 20.99 -55.96 26.64
CA ALA A 251 21.11 -57.39 26.93
C ALA A 251 22.03 -58.07 25.93
N TYR A 252 21.91 -57.69 24.66
CA TYR A 252 22.81 -58.19 23.63
C TYR A 252 24.25 -57.79 23.91
N SER A 253 24.44 -56.59 24.48
CA SER A 253 25.76 -56.15 24.86
C SER A 253 26.37 -57.02 25.95
N VAL A 254 25.66 -57.21 27.06
CA VAL A 254 26.28 -57.87 28.21
C VAL A 254 26.48 -59.36 27.94
N LEU A 255 25.53 -60.00 27.26
CA LEU A 255 25.79 -61.41 26.98
C LEU A 255 26.77 -61.58 25.83
N PHE A 256 26.90 -60.57 24.97
CA PHE A 256 27.94 -60.66 23.95
C PHE A 256 29.33 -60.50 24.55
N GLU A 257 29.49 -59.63 25.55
CA GLU A 257 30.82 -59.47 26.13
C GLU A 257 31.17 -60.62 27.05
N THR A 258 30.19 -61.29 27.67
CA THR A 258 30.58 -62.50 28.38
C THR A 258 30.77 -63.68 27.44
N PHE A 259 30.21 -63.64 26.22
CA PHE A 259 30.73 -64.48 25.15
C PHE A 259 32.18 -64.13 24.80
N GLY A 260 32.57 -62.88 25.01
CA GLY A 260 33.97 -62.54 24.87
C GLY A 260 34.87 -63.20 25.90
N TYR A 261 34.36 -63.44 27.11
CA TYR A 261 35.24 -63.88 28.19
C TYR A 261 35.63 -65.34 28.06
N HIS A 262 34.65 -66.23 27.97
CA HIS A 262 34.92 -67.67 27.84
C HIS A 262 35.57 -68.01 26.51
N HIS A 278 38.80 -57.03 34.76
CA HIS A 278 38.85 -56.03 35.80
C HIS A 278 40.02 -55.10 35.56
N TRP A 279 40.65 -55.28 34.41
CA TRP A 279 41.70 -54.40 33.92
C TRP A 279 41.36 -53.77 32.58
N GLU A 280 40.88 -54.58 31.64
CA GLU A 280 40.51 -54.13 30.30
C GLU A 280 39.03 -54.32 30.01
N LEU A 281 38.38 -55.25 30.71
CA LEU A 281 36.96 -55.50 30.53
C LEU A 281 36.13 -54.33 31.01
N LEU A 282 36.65 -53.59 31.99
CA LEU A 282 36.06 -52.31 32.38
C LEU A 282 36.00 -51.35 31.21
N SER A 283 37.06 -51.32 30.40
CA SER A 283 37.05 -50.45 29.24
C SER A 283 36.13 -50.99 28.17
N ARG A 284 35.96 -52.31 28.11
CA ARG A 284 34.96 -52.89 27.22
C ARG A 284 33.56 -52.39 27.57
N ALA A 285 33.22 -52.39 28.86
CA ALA A 285 31.92 -51.89 29.28
C ALA A 285 31.77 -50.39 29.06
N LEU A 286 32.89 -49.65 29.12
CA LEU A 286 32.84 -48.23 28.79
C LEU A 286 32.52 -48.01 27.32
N LEU A 287 33.12 -48.84 26.45
CA LEU A 287 32.76 -48.86 25.03
C LEU A 287 31.29 -49.14 24.83
N HIS A 288 30.74 -50.10 25.59
CA HIS A 288 29.36 -50.49 25.35
C HIS A 288 28.38 -49.45 25.87
N LEU A 289 28.64 -48.88 27.05
CA LEU A 289 27.68 -47.92 27.57
C LEU A 289 27.78 -46.59 26.84
N CYS A 290 28.98 -46.21 26.39
CA CYS A 290 29.07 -44.98 25.61
C CYS A 290 28.42 -45.14 24.25
N ILE A 291 28.58 -46.32 23.63
CA ILE A 291 27.98 -46.53 22.33
C ILE A 291 26.45 -46.61 22.46
N HIS A 292 25.96 -47.06 23.62
CA HIS A 292 24.52 -47.01 23.86
C HIS A 292 24.03 -45.58 24.03
N ALA A 293 24.77 -44.75 24.75
CA ALA A 293 24.31 -43.39 25.01
C ALA A 293 24.27 -42.57 23.73
N ILE A 294 25.28 -42.72 22.86
CA ILE A 294 25.21 -42.01 21.59
C ILE A 294 24.12 -42.61 20.71
N GLY A 295 23.85 -43.92 20.88
CA GLY A 295 22.77 -44.52 20.13
C GLY A 295 21.40 -43.96 20.48
N ILE A 296 21.11 -43.83 21.78
CA ILE A 296 19.81 -43.32 22.19
C ILE A 296 19.69 -41.85 21.88
N HIS A 297 20.81 -41.13 21.89
CA HIS A 297 20.83 -39.76 21.39
C HIS A 297 20.35 -39.66 19.95
N LEU A 298 20.97 -40.46 19.06
CA LEU A 298 20.58 -40.48 17.65
C LEU A 298 19.13 -40.87 17.48
N PHE A 299 18.68 -41.77 18.34
CA PHE A 299 17.31 -42.28 18.30
C PHE A 299 16.31 -41.16 18.59
N ILE A 300 16.51 -40.45 19.71
CA ILE A 300 15.52 -39.47 20.13
C ILE A 300 15.51 -38.28 19.19
N MET A 301 16.68 -37.88 18.67
CA MET A 301 16.64 -36.77 17.73
C MET A 301 16.00 -37.17 16.43
N SER A 302 16.17 -38.44 16.03
CA SER A 302 15.54 -38.94 14.81
C SER A 302 14.02 -38.85 14.89
N GLN A 303 13.43 -39.39 15.96
CA GLN A 303 11.98 -39.34 15.92
C GLN A 303 11.40 -38.00 16.36
N VAL A 304 12.18 -37.11 16.98
CA VAL A 304 11.56 -35.80 17.20
C VAL A 304 11.55 -34.99 15.92
N ARG A 305 12.52 -35.22 15.00
CA ARG A 305 12.35 -34.61 13.69
C ARG A 305 11.18 -35.25 12.95
N SER A 306 10.97 -36.55 13.17
CA SER A 306 9.80 -37.23 12.63
C SER A 306 8.49 -36.64 13.14
N ARG A 307 8.48 -36.12 14.37
CA ARG A 307 7.31 -35.41 14.85
C ARG A 307 7.15 -34.05 14.20
N SER A 308 8.16 -33.18 14.37
CA SER A 308 7.98 -31.76 14.07
C SER A 308 7.81 -31.50 12.59
N THR A 309 8.45 -32.31 11.75
CA THR A 309 8.25 -32.19 10.31
C THR A 309 6.79 -32.43 9.94
N PHE A 310 6.18 -33.45 10.54
CA PHE A 310 4.78 -33.75 10.31
C PHE A 310 3.86 -32.65 10.81
N LEU A 311 4.21 -32.03 11.95
CA LEU A 311 3.35 -30.99 12.49
C LEU A 311 3.36 -29.73 11.62
N LYS A 312 4.55 -29.30 11.18
CA LYS A 312 4.65 -28.13 10.30
C LYS A 312 3.93 -28.37 8.99
N VAL A 313 4.06 -29.58 8.42
CA VAL A 313 3.37 -29.86 7.17
C VAL A 313 1.86 -29.91 7.36
N GLY A 314 1.38 -30.40 8.51
CA GLY A 314 -0.06 -30.46 8.74
C GLY A 314 -0.70 -29.08 8.91
N GLN A 315 -0.03 -28.20 9.64
CA GLN A 315 -0.61 -26.86 9.74
C GLN A 315 -0.45 -26.09 8.44
N SER A 316 0.58 -26.45 7.66
CA SER A 316 0.72 -25.93 6.30
C SER A 316 -0.40 -26.38 5.39
N ILE A 317 -0.98 -27.57 5.64
CA ILE A 317 -2.09 -28.01 4.78
C ILE A 317 -3.43 -27.61 5.37
N MET A 318 -3.46 -27.03 6.58
CA MET A 318 -4.71 -26.40 7.01
C MET A 318 -4.82 -24.94 6.55
N HIS A 319 -3.75 -24.15 6.73
CA HIS A 319 -3.87 -22.72 6.49
C HIS A 319 -3.97 -22.34 5.02
N GLY A 320 -3.57 -23.22 4.10
CA GLY A 320 -3.74 -22.92 2.69
C GLY A 320 -5.20 -22.91 2.26
N LYS A 321 -5.95 -23.95 2.63
CA LYS A 321 -7.35 -24.00 2.26
C LYS A 321 -8.20 -23.04 3.07
N ASP A 322 -7.82 -22.77 4.33
CA ASP A 322 -8.48 -21.68 5.06
C ASP A 322 -8.27 -20.34 4.36
N LEU A 323 -7.05 -20.12 3.84
CA LEU A 323 -6.75 -18.91 3.09
C LEU A 323 -7.60 -18.81 1.82
N GLU A 324 -7.84 -19.94 1.16
CA GLU A 324 -8.64 -19.90 -0.06
C GLU A 324 -10.10 -19.60 0.23
N VAL A 325 -10.66 -20.21 1.29
CA VAL A 325 -12.07 -19.98 1.62
C VAL A 325 -12.29 -18.54 2.07
N GLU A 326 -11.39 -18.00 2.90
CA GLU A 326 -11.59 -16.62 3.34
C GLU A 326 -11.26 -15.63 2.22
N LYS A 327 -10.46 -16.05 1.24
CA LYS A 327 -10.34 -15.29 0.00
C LYS A 327 -11.67 -15.21 -0.73
N ALA A 328 -12.45 -16.31 -0.71
CA ALA A 328 -13.78 -16.27 -1.32
C ALA A 328 -14.73 -15.36 -0.53
N LEU A 329 -14.57 -15.31 0.80
CA LEU A 329 -15.42 -14.45 1.62
C LEU A 329 -15.14 -12.97 1.33
N LYS A 330 -13.85 -12.60 1.28
CA LYS A 330 -13.46 -11.26 0.86
C LYS A 330 -13.96 -10.93 -0.54
N GLU A 331 -13.96 -11.93 -1.42
CA GLU A 331 -14.47 -11.74 -2.76
C GLU A 331 -15.96 -11.41 -2.74
N ARG A 332 -16.70 -12.01 -1.80
CA ARG A 332 -18.10 -11.64 -1.64
C ARG A 332 -18.25 -10.22 -1.14
N MET A 333 -17.37 -9.78 -0.24
CA MET A 333 -17.51 -8.41 0.28
C MET A 333 -17.15 -7.36 -0.77
N ILE A 334 -16.19 -7.64 -1.64
CA ILE A 334 -15.95 -6.75 -2.78
C ILE A 334 -17.15 -6.77 -3.72
N HIS A 335 -17.68 -7.95 -4.01
CA HIS A 335 -18.78 -8.01 -4.96
C HIS A 335 -20.14 -7.77 -4.33
N SER A 336 -20.21 -7.11 -3.19
CA SER A 336 -21.48 -6.70 -2.60
C SER A 336 -21.61 -5.20 -2.48
N VAL A 337 -20.67 -4.43 -3.02
CA VAL A 337 -20.72 -2.99 -2.83
C VAL A 337 -20.45 -2.27 -4.15
N MET A 338 -19.91 -2.98 -5.13
CA MET A 338 -19.35 -2.30 -6.30
C MET A 338 -19.57 -3.18 -7.53
N PRO A 339 -19.54 -2.57 -8.73
CA PRO A 339 -19.53 -3.37 -9.96
C PRO A 339 -18.20 -4.04 -10.26
N ARG A 340 -18.10 -4.65 -11.43
CA ARG A 340 -17.07 -5.65 -11.67
C ARG A 340 -15.73 -5.06 -12.08
N ILE A 341 -15.72 -3.86 -12.66
CA ILE A 341 -14.54 -3.41 -13.39
C ILE A 341 -13.45 -2.94 -12.42
N ILE A 342 -13.78 -1.99 -11.55
CA ILE A 342 -12.84 -1.49 -10.54
C ILE A 342 -12.50 -2.58 -9.54
N ALA A 343 -13.46 -3.49 -9.30
CA ALA A 343 -13.19 -4.71 -8.55
C ALA A 343 -12.06 -5.52 -9.17
N ASP A 344 -12.18 -5.81 -10.47
CA ASP A 344 -11.15 -6.58 -11.16
C ASP A 344 -9.86 -5.82 -11.37
N ASP A 345 -9.85 -4.49 -11.19
CA ASP A 345 -8.57 -3.82 -10.99
C ASP A 345 -8.03 -4.11 -9.60
N LEU A 346 -8.91 -4.24 -8.61
CA LEU A 346 -8.43 -4.63 -7.28
C LEU A 346 -8.15 -6.12 -7.15
N MET A 347 -8.36 -6.92 -8.19
CA MET A 347 -8.20 -8.37 -8.05
C MET A 347 -6.80 -8.88 -8.37
N LYS A 348 -5.92 -8.08 -9.00
CA LYS A 348 -4.65 -8.60 -9.45
C LYS A 348 -3.47 -7.66 -9.25
N GLN A 349 -3.56 -6.74 -8.27
CA GLN A 349 -2.52 -5.77 -7.85
C GLN A 349 -1.83 -5.07 -9.02
N GLY A 350 -2.65 -4.62 -9.98
CA GLY A 350 -2.11 -4.01 -11.19
C GLY A 350 -1.39 -2.69 -10.95
N ASP A 351 -1.88 -1.91 -9.98
CA ASP A 351 -1.12 -0.81 -9.40
C ASP A 351 -0.99 -1.07 -7.91
N GLU A 352 0.24 -1.05 -7.40
CA GLU A 352 0.48 -1.27 -5.98
C GLU A 352 0.28 0.00 -5.17
N GLU A 353 -0.27 1.06 -5.77
CA GLU A 353 -0.78 2.18 -5.01
C GLU A 353 -2.02 1.78 -4.22
N SER A 354 -2.76 0.77 -4.69
CA SER A 354 -3.92 0.27 -3.97
C SER A 354 -3.54 -0.69 -2.85
N GLU A 355 -2.53 -1.54 -3.06
CA GLU A 355 -1.98 -2.36 -1.99
C GLU A 355 -1.27 -1.50 -0.94
N ASN A 356 -0.71 -0.36 -1.38
CA ASN A 356 -0.28 0.67 -0.43
C ASN A 356 -1.44 1.51 0.07
N SER A 357 -2.64 1.34 -0.49
CA SER A 357 -3.84 2.03 -0.01
C SER A 357 -4.75 1.14 0.83
N VAL A 358 -4.36 -0.11 1.09
CA VAL A 358 -5.06 -0.90 2.10
C VAL A 358 -4.62 -0.47 3.49
N LYS A 359 -3.31 -0.42 3.72
CA LYS A 359 -2.74 0.05 4.98
C LYS A 359 -2.85 1.57 5.11
N ILE A 380 0.66 11.98 0.30
CA ILE A 380 0.61 13.29 0.95
C ILE A 380 0.04 14.36 0.01
N ALA A 381 0.35 14.27 -1.28
CA ALA A 381 -0.06 15.30 -2.24
C ALA A 381 -1.55 15.22 -2.55
N PHE A 382 -2.00 14.12 -3.14
CA PHE A 382 -3.42 13.88 -3.36
C PHE A 382 -3.70 12.40 -3.23
N ARG A 383 -4.77 12.07 -2.52
CA ARG A 383 -5.22 10.71 -2.38
C ARG A 383 -5.69 10.15 -3.72
N PRO A 384 -5.58 8.85 -3.93
CA PRO A 384 -6.04 8.27 -5.19
C PRO A 384 -7.48 7.76 -5.14
N PHE A 385 -8.22 7.98 -6.22
CA PHE A 385 -9.60 7.49 -6.31
C PHE A 385 -9.99 7.37 -7.77
N LYS A 386 -10.94 6.48 -8.03
CA LYS A 386 -11.32 6.11 -9.39
C LYS A 386 -12.56 6.87 -9.80
N MET A 387 -12.44 7.69 -10.85
CA MET A 387 -13.56 8.31 -11.54
C MET A 387 -13.27 8.37 -13.03
N GLN A 388 -14.28 8.04 -13.83
CA GLN A 388 -14.19 8.10 -15.29
C GLN A 388 -15.40 8.85 -15.82
N GLN A 389 -15.16 9.72 -16.78
CA GLN A 389 -16.18 10.65 -17.29
C GLN A 389 -16.71 10.08 -18.60
N ILE A 390 -17.88 9.47 -18.56
CA ILE A 390 -18.37 8.67 -19.68
C ILE A 390 -19.61 9.33 -20.27
N GLU A 391 -19.74 9.26 -21.59
CA GLU A 391 -20.89 9.81 -22.29
C GLU A 391 -21.87 8.72 -22.71
N GLU A 392 -23.07 9.17 -23.11
CA GLU A 392 -24.17 8.35 -23.64
C GLU A 392 -24.60 7.25 -22.67
N VAL A 393 -25.09 7.69 -21.52
CA VAL A 393 -25.75 6.78 -20.60
C VAL A 393 -27.14 7.34 -20.34
N SER A 394 -27.91 6.64 -19.54
CA SER A 394 -29.26 7.08 -19.21
C SER A 394 -29.49 6.87 -17.72
N ILE A 395 -30.51 7.54 -17.20
CA ILE A 395 -30.71 7.68 -15.76
C ILE A 395 -32.20 7.52 -15.48
N LEU A 396 -32.53 6.63 -14.53
CA LEU A 396 -33.90 6.38 -14.11
C LEU A 396 -34.03 6.62 -12.62
N PHE A 397 -34.98 7.49 -12.25
CA PHE A 397 -35.33 7.78 -10.87
C PHE A 397 -36.77 7.36 -10.61
N ALA A 398 -37.01 6.75 -9.44
CA ALA A 398 -38.36 6.37 -9.08
C ALA A 398 -38.61 6.60 -7.60
N ASP A 399 -39.79 7.09 -7.24
CA ASP A 399 -40.04 7.43 -5.85
C ASP A 399 -41.54 7.45 -5.58
N ILE A 400 -41.91 7.18 -4.33
CA ILE A 400 -43.30 7.10 -3.92
C ILE A 400 -43.82 8.49 -3.60
N VAL A 401 -44.95 8.84 -4.21
CA VAL A 401 -45.60 10.11 -3.94
C VAL A 401 -46.36 9.99 -2.63
N GLY A 402 -46.30 11.03 -1.81
CA GLY A 402 -47.12 11.12 -0.61
C GLY A 402 -46.66 10.14 0.46
N PHE A 403 -45.36 10.12 0.71
CA PHE A 403 -44.73 9.12 1.57
C PHE A 403 -44.86 9.48 3.05
N THR A 404 -45.58 10.56 3.37
CA THR A 404 -45.55 11.12 4.71
C THR A 404 -46.25 10.22 5.73
N LYS A 405 -47.54 9.97 5.54
CA LYS A 405 -48.32 9.23 6.54
C LYS A 405 -48.35 7.73 6.26
N MET A 406 -47.98 7.31 5.05
CA MET A 406 -48.26 5.95 4.58
C MET A 406 -47.52 4.87 5.36
N SER A 407 -46.42 5.20 6.02
CA SER A 407 -45.68 4.25 6.85
C SER A 407 -45.80 4.56 8.34
N ALA A 408 -46.98 4.97 8.79
CA ALA A 408 -47.15 5.41 10.17
C ALA A 408 -47.12 4.24 11.14
N ASN A 409 -48.02 3.27 10.95
CA ASN A 409 -48.28 2.26 11.97
C ASN A 409 -47.41 1.02 11.78
N LYS A 410 -46.19 1.21 11.28
CA LYS A 410 -45.29 0.10 11.05
C LYS A 410 -44.50 -0.20 12.30
N SER A 411 -44.31 -1.50 12.56
CA SER A 411 -43.53 -1.97 13.70
C SER A 411 -42.06 -2.16 13.34
N ALA A 412 -41.57 -1.40 12.35
CA ALA A 412 -40.19 -1.39 11.86
C ALA A 412 -39.74 -2.75 11.31
N HIS A 413 -40.67 -3.65 11.01
CA HIS A 413 -40.33 -4.86 10.28
C HIS A 413 -41.36 -5.05 9.18
N ALA A 414 -42.57 -4.50 9.40
CA ALA A 414 -43.59 -4.53 8.35
C ALA A 414 -43.23 -3.57 7.23
N LEU A 415 -42.71 -2.39 7.57
CA LEU A 415 -42.16 -1.48 6.57
C LEU A 415 -40.96 -2.09 5.89
N VAL A 416 -40.15 -2.82 6.65
CA VAL A 416 -39.10 -3.67 6.09
C VAL A 416 -39.71 -4.78 5.24
N GLY A 417 -40.91 -5.24 5.60
CA GLY A 417 -41.50 -6.36 4.89
C GLY A 417 -42.03 -5.98 3.51
N LEU A 418 -42.86 -4.95 3.45
CA LEU A 418 -43.38 -4.52 2.16
C LEU A 418 -42.36 -3.70 1.38
N LEU A 419 -41.56 -2.92 2.10
CA LEU A 419 -40.59 -2.07 1.44
C LEU A 419 -39.43 -2.90 0.90
N ASN A 420 -38.97 -3.86 1.69
CA ASN A 420 -37.96 -4.80 1.23
C ASN A 420 -38.53 -5.90 0.36
N ASP A 421 -39.84 -6.12 0.38
CA ASP A 421 -40.45 -7.04 -0.57
C ASP A 421 -40.46 -6.41 -1.95
N LEU A 422 -40.91 -5.15 -2.03
CA LEU A 422 -40.86 -4.41 -3.27
C LEU A 422 -39.42 -4.16 -3.70
N PHE A 423 -38.50 -4.02 -2.74
CA PHE A 423 -37.08 -3.94 -3.08
C PHE A 423 -36.56 -5.26 -3.61
N GLY A 424 -37.08 -6.38 -3.11
CA GLY A 424 -36.68 -7.67 -3.64
C GLY A 424 -37.19 -7.88 -5.04
N ARG A 425 -38.39 -7.41 -5.31
CA ARG A 425 -38.91 -7.48 -6.68
C ARG A 425 -38.16 -6.50 -7.58
N PHE A 426 -37.72 -5.38 -7.01
CA PHE A 426 -36.85 -4.46 -7.73
C PHE A 426 -35.55 -5.15 -8.12
N ASP A 427 -34.96 -5.88 -7.18
CA ASP A 427 -33.70 -6.56 -7.45
C ASP A 427 -33.89 -7.66 -8.46
N ARG A 428 -35.05 -8.32 -8.43
CA ARG A 428 -35.39 -9.32 -9.44
C ARG A 428 -35.47 -8.70 -10.82
N LEU A 429 -36.14 -7.56 -10.95
CA LEU A 429 -36.26 -6.98 -12.27
C LEU A 429 -34.99 -6.28 -12.73
N CYS A 430 -34.13 -5.88 -11.80
CA CYS A 430 -32.83 -5.35 -12.19
C CYS A 430 -31.94 -6.46 -12.72
N GLU A 431 -31.91 -7.60 -12.03
CA GLU A 431 -31.07 -8.70 -12.49
C GLU A 431 -31.64 -9.39 -13.72
N GLU A 432 -32.94 -9.22 -13.98
CA GLU A 432 -33.52 -9.78 -15.19
C GLU A 432 -33.49 -8.79 -16.34
N THR A 433 -33.29 -7.51 -16.06
CA THR A 433 -33.37 -6.47 -17.08
C THR A 433 -32.01 -5.83 -17.33
N LYS A 434 -30.93 -6.43 -16.81
CA LYS A 434 -29.53 -6.04 -17.04
C LYS A 434 -29.27 -4.59 -16.59
N CYS A 435 -29.39 -4.35 -15.30
CA CYS A 435 -29.47 -3.00 -14.77
C CYS A 435 -28.27 -2.63 -13.90
N GLU A 436 -28.17 -1.32 -13.63
CA GLU A 436 -27.14 -0.74 -12.78
C GLU A 436 -27.83 0.01 -11.65
N LYS A 437 -28.21 -0.69 -10.59
CA LYS A 437 -28.85 0.00 -9.48
C LYS A 437 -27.81 0.72 -8.63
N ILE A 438 -28.21 1.79 -7.96
CA ILE A 438 -27.16 2.50 -7.23
C ILE A 438 -27.39 2.48 -5.74
N SER A 439 -28.46 3.10 -5.27
CA SER A 439 -28.62 3.40 -3.85
C SER A 439 -30.04 3.83 -3.55
N THR A 440 -30.48 3.58 -2.31
CA THR A 440 -31.80 3.93 -1.84
C THR A 440 -31.72 5.21 -1.03
N LEU A 441 -32.38 6.25 -1.51
CA LEU A 441 -32.36 7.55 -0.85
C LEU A 441 -33.65 7.74 -0.07
N GLY A 442 -33.74 7.15 1.11
CA GLY A 442 -34.98 7.17 1.86
C GLY A 442 -36.06 6.42 1.13
N ASP A 443 -36.99 7.14 0.52
CA ASP A 443 -38.08 6.55 -0.24
C ASP A 443 -37.79 6.46 -1.73
N CYS A 444 -36.70 7.04 -2.21
CA CYS A 444 -36.39 7.04 -3.62
C CYS A 444 -35.40 5.93 -3.95
N TYR A 445 -35.69 5.21 -5.03
CA TYR A 445 -34.85 4.13 -5.54
C TYR A 445 -34.49 4.42 -6.98
N TYR A 446 -33.26 4.09 -7.38
CA TYR A 446 -32.87 4.53 -8.71
C TYR A 446 -31.75 3.70 -9.33
N CYS A 447 -31.75 3.72 -10.66
CA CYS A 447 -30.87 2.91 -11.48
C CYS A 447 -30.40 3.76 -12.65
N VAL A 448 -29.36 3.29 -13.33
CA VAL A 448 -28.89 3.91 -14.56
C VAL A 448 -28.72 2.83 -15.62
N ALA A 449 -28.25 3.25 -16.80
CA ALA A 449 -28.25 2.41 -17.99
C ALA A 449 -26.84 2.31 -18.55
N GLY A 450 -26.08 1.36 -18.01
CA GLY A 450 -24.87 0.88 -18.65
C GLY A 450 -23.70 1.83 -18.75
N CYS A 451 -23.24 2.36 -17.61
CA CYS A 451 -21.99 3.11 -17.58
C CYS A 451 -20.71 2.26 -17.63
N PRO A 452 -20.62 1.00 -17.08
CA PRO A 452 -19.46 0.19 -17.46
C PRO A 452 -19.60 -0.32 -18.88
N GLU A 453 -20.79 -0.76 -19.23
CA GLU A 453 -21.07 -1.37 -20.53
C GLU A 453 -22.07 -0.51 -21.29
N PRO A 454 -21.62 0.35 -22.20
CA PRO A 454 -22.56 1.17 -23.00
C PRO A 454 -23.33 0.28 -23.98
N ARG A 455 -24.64 0.25 -23.83
CA ARG A 455 -25.50 -0.70 -24.52
C ARG A 455 -26.08 -0.07 -25.79
N ALA A 456 -26.40 -0.91 -26.76
CA ALA A 456 -26.84 -0.41 -28.08
C ALA A 456 -28.27 0.11 -28.05
N ASP A 457 -29.18 -0.60 -27.38
CA ASP A 457 -30.56 -0.14 -27.28
C ASP A 457 -30.87 0.21 -25.83
N HIS A 458 -29.92 0.93 -25.22
CA HIS A 458 -29.86 1.11 -23.78
C HIS A 458 -31.08 1.82 -23.23
N ALA A 459 -31.54 2.85 -23.94
CA ALA A 459 -32.63 3.67 -23.42
C ALA A 459 -33.93 2.90 -23.44
N TYR A 460 -34.08 1.99 -24.40
CA TYR A 460 -35.26 1.15 -24.49
C TYR A 460 -35.30 0.16 -23.34
N CYS A 461 -34.12 -0.35 -22.96
CA CYS A 461 -33.98 -1.18 -21.77
C CYS A 461 -34.35 -0.39 -20.52
N CYS A 462 -33.99 0.89 -20.50
CA CYS A 462 -34.30 1.71 -19.34
C CYS A 462 -35.80 1.98 -19.24
N ILE A 463 -36.45 2.32 -20.35
CA ILE A 463 -37.84 2.73 -20.24
C ILE A 463 -38.77 1.54 -20.12
N GLU A 464 -38.48 0.44 -20.81
CA GLU A 464 -39.26 -0.77 -20.61
C GLU A 464 -38.95 -1.40 -19.26
N MET A 465 -37.76 -1.14 -18.74
CA MET A 465 -37.45 -1.51 -17.37
C MET A 465 -38.34 -0.73 -16.39
N GLY A 466 -38.49 0.57 -16.63
CA GLY A 466 -39.36 1.38 -15.80
C GLY A 466 -40.82 0.98 -15.94
N LEU A 467 -41.21 0.52 -17.12
CA LEU A 467 -42.50 -0.14 -17.26
C LEU A 467 -42.56 -1.42 -16.45
N GLY A 468 -41.41 -2.08 -16.28
CA GLY A 468 -41.32 -3.15 -15.32
C GLY A 468 -41.62 -2.67 -13.90
N MET A 469 -41.16 -1.47 -13.57
CA MET A 469 -41.52 -0.90 -12.27
C MET A 469 -42.98 -0.51 -12.21
N ILE A 470 -43.59 -0.22 -13.36
CA ILE A 470 -45.04 -0.03 -13.38
C ILE A 470 -45.73 -1.35 -13.06
N ARG A 471 -45.18 -2.46 -13.55
CA ARG A 471 -45.68 -3.76 -13.12
C ARG A 471 -45.38 -4.03 -11.66
N ALA A 472 -44.32 -3.43 -11.13
CA ALA A 472 -44.02 -3.60 -9.72
C ALA A 472 -45.05 -2.90 -8.85
N ILE A 473 -45.41 -1.67 -9.22
CA ILE A 473 -46.36 -0.94 -8.39
C ILE A 473 -47.76 -1.50 -8.56
N GLU A 474 -48.13 -1.95 -9.77
CA GLU A 474 -49.49 -2.45 -9.94
C GLU A 474 -49.63 -3.84 -9.33
N GLN A 475 -48.60 -4.67 -9.41
CA GLN A 475 -48.71 -6.05 -8.99
C GLN A 475 -48.41 -6.21 -7.50
N PHE A 476 -47.49 -5.41 -6.98
CA PHE A 476 -47.24 -5.47 -5.54
C PHE A 476 -48.23 -4.60 -4.77
N CYS A 477 -48.67 -3.49 -5.36
CA CYS A 477 -49.73 -2.71 -4.74
C CYS A 477 -51.02 -3.49 -4.69
N GLN A 478 -51.46 -4.02 -5.83
CA GLN A 478 -52.65 -4.87 -5.80
C GLN A 478 -52.38 -6.25 -5.23
N GLU A 479 -51.14 -6.58 -4.92
CA GLU A 479 -50.90 -7.66 -3.97
C GLU A 479 -51.32 -7.23 -2.58
N LYS A 480 -50.84 -6.08 -2.14
CA LYS A 480 -51.04 -5.66 -0.75
C LYS A 480 -52.33 -4.86 -0.58
N LYS A 481 -52.98 -4.45 -1.67
CA LYS A 481 -54.20 -3.62 -1.69
C LYS A 481 -53.98 -2.31 -0.94
N GLU A 482 -53.06 -1.51 -1.47
CA GLU A 482 -52.67 -0.24 -0.88
C GLU A 482 -53.17 0.90 -1.75
N MET A 483 -52.96 2.12 -1.29
CA MET A 483 -53.21 3.32 -2.09
C MET A 483 -51.92 4.11 -2.16
N VAL A 484 -51.08 3.74 -3.15
CA VAL A 484 -49.73 4.27 -3.31
C VAL A 484 -49.44 4.43 -4.79
N ASN A 485 -48.39 5.19 -5.10
CA ASN A 485 -47.92 5.38 -6.47
C ASN A 485 -46.49 5.90 -6.44
N MET A 486 -45.87 5.91 -7.63
CA MET A 486 -44.46 6.24 -7.78
C MET A 486 -44.22 6.94 -9.11
N ARG A 487 -43.35 7.95 -9.08
CA ARG A 487 -42.91 8.69 -10.24
C ARG A 487 -41.61 8.13 -10.78
N VAL A 488 -41.45 8.28 -12.11
CA VAL A 488 -40.27 7.84 -12.85
C VAL A 488 -39.79 8.97 -13.76
N GLY A 489 -38.53 9.38 -13.60
CA GLY A 489 -37.92 10.34 -14.50
C GLY A 489 -36.65 9.78 -15.11
N VAL A 490 -36.53 9.88 -16.43
CA VAL A 490 -35.44 9.23 -17.18
C VAL A 490 -34.79 10.22 -18.13
N HIS A 491 -33.47 10.36 -18.04
CA HIS A 491 -32.75 11.26 -18.92
C HIS A 491 -31.53 10.59 -19.54
N THR A 492 -31.26 10.89 -20.80
CA THR A 492 -30.04 10.46 -21.47
C THR A 492 -29.04 11.60 -21.49
N GLY A 493 -27.81 11.28 -21.11
CA GLY A 493 -26.77 12.30 -21.08
C GLY A 493 -25.44 11.70 -20.72
N THR A 494 -24.49 12.56 -20.37
CA THR A 494 -23.17 12.13 -19.94
C THR A 494 -23.04 12.27 -18.44
N VAL A 495 -22.24 11.37 -17.85
CA VAL A 495 -22.09 11.26 -16.39
C VAL A 495 -20.63 10.91 -16.09
N LEU A 496 -20.01 11.66 -15.19
CA LEU A 496 -18.76 11.22 -14.59
C LEU A 496 -19.09 10.38 -13.36
N CYS A 497 -18.58 9.15 -13.35
CA CYS A 497 -18.89 8.18 -12.31
C CYS A 497 -17.63 7.84 -11.54
N GLY A 498 -17.81 7.33 -10.33
CA GLY A 498 -16.66 6.92 -9.57
C GLY A 498 -16.98 6.74 -8.10
N ILE A 499 -15.94 6.81 -7.28
CA ILE A 499 -16.06 6.66 -5.84
C ILE A 499 -15.28 7.80 -5.19
N LEU A 500 -15.93 8.52 -4.27
CA LEU A 500 -15.22 9.43 -3.41
C LEU A 500 -15.02 8.82 -2.04
N GLY A 501 -14.34 9.57 -1.19
CA GLY A 501 -14.22 9.22 0.21
C GLY A 501 -13.31 8.03 0.46
N MET A 502 -13.14 7.72 1.73
CA MET A 502 -12.44 6.52 2.14
C MET A 502 -13.10 5.85 3.34
N ARG A 503 -14.30 6.26 3.72
CA ARG A 503 -15.06 5.66 4.80
C ARG A 503 -16.50 5.51 4.35
N ARG A 504 -17.03 4.29 4.45
CA ARG A 504 -18.41 3.94 4.08
C ARG A 504 -18.73 4.29 2.63
N PHE A 505 -17.71 4.27 1.78
CA PHE A 505 -17.83 4.76 0.43
C PHE A 505 -18.64 3.80 -0.44
N LYS A 506 -18.96 4.27 -1.64
CA LYS A 506 -19.98 3.64 -2.44
C LYS A 506 -19.86 4.17 -3.85
N PHE A 507 -20.06 3.31 -4.83
CA PHE A 507 -19.91 3.75 -6.21
C PHE A 507 -21.10 4.60 -6.60
N ASP A 508 -20.86 5.89 -6.84
CA ASP A 508 -21.93 6.81 -7.19
C ASP A 508 -21.60 7.51 -8.50
N VAL A 509 -22.54 8.35 -8.92
CA VAL A 509 -22.53 9.00 -10.20
C VAL A 509 -22.72 10.49 -9.99
N TRP A 510 -22.23 11.27 -10.95
CA TRP A 510 -22.32 12.73 -10.86
C TRP A 510 -22.46 13.32 -12.26
N SER A 511 -23.45 14.23 -12.41
CA SER A 511 -23.70 15.10 -13.56
C SER A 511 -24.88 16.00 -13.28
N ASN A 512 -25.00 17.10 -14.03
CA ASN A 512 -26.25 17.86 -13.98
C ASN A 512 -27.34 17.19 -14.80
N ASP A 513 -27.00 16.21 -15.64
CA ASP A 513 -28.01 15.37 -16.26
C ASP A 513 -28.74 14.54 -15.22
N VAL A 514 -28.01 14.10 -14.19
CA VAL A 514 -28.59 13.40 -13.05
C VAL A 514 -29.57 14.32 -12.33
N ASN A 515 -29.18 15.58 -12.15
CA ASN A 515 -30.07 16.55 -11.49
C ASN A 515 -31.25 16.89 -12.38
N LEU A 516 -31.08 16.76 -13.69
CA LEU A 516 -32.17 16.96 -14.65
C LEU A 516 -33.16 15.83 -14.44
N ALA A 517 -32.66 14.62 -14.18
CA ALA A 517 -33.55 13.52 -13.85
C ALA A 517 -34.22 13.75 -12.50
N ASN A 518 -33.52 14.40 -11.57
CA ASN A 518 -34.09 14.69 -10.26
C ASN A 518 -35.27 15.64 -10.40
N LEU A 519 -35.10 16.71 -11.17
CA LEU A 519 -36.19 17.64 -11.35
C LEU A 519 -37.28 17.08 -12.24
N MET A 520 -36.98 16.12 -13.12
CA MET A 520 -38.06 15.47 -13.84
C MET A 520 -38.87 14.55 -12.95
N GLU A 521 -38.25 14.00 -11.90
CA GLU A 521 -39.06 13.41 -10.85
C GLU A 521 -39.83 14.48 -10.12
N GLN A 522 -39.22 15.64 -9.92
CA GLN A 522 -39.93 16.74 -9.29
C GLN A 522 -41.04 17.28 -10.20
N LEU A 523 -40.81 17.26 -11.50
CA LEU A 523 -41.84 17.61 -12.47
C LEU A 523 -42.62 16.39 -12.94
N GLY A 524 -42.65 15.32 -12.15
CA GLY A 524 -43.24 14.07 -12.59
C GLY A 524 -44.74 14.00 -12.40
N VAL A 525 -45.31 12.91 -12.90
CA VAL A 525 -46.72 12.60 -12.76
C VAL A 525 -46.86 11.08 -12.78
N ALA A 526 -47.94 10.59 -12.18
CA ALA A 526 -48.06 9.17 -11.91
C ALA A 526 -48.36 8.37 -13.18
N GLY A 527 -48.02 7.08 -13.15
CA GLY A 527 -48.47 6.13 -14.13
C GLY A 527 -47.66 6.05 -15.41
N LYS A 528 -47.00 7.12 -15.82
CA LYS A 528 -46.28 7.14 -17.08
C LYS A 528 -44.86 7.60 -16.84
N VAL A 529 -43.94 7.19 -17.72
CA VAL A 529 -42.54 7.56 -17.53
C VAL A 529 -42.28 8.92 -18.15
N HIS A 530 -41.63 9.78 -17.36
CA HIS A 530 -41.32 11.16 -17.69
C HIS A 530 -39.97 11.17 -18.40
N ILE A 531 -39.98 11.48 -19.71
CA ILE A 531 -38.75 11.34 -20.51
C ILE A 531 -38.46 12.59 -21.32
N SER A 532 -37.18 12.95 -21.38
CA SER A 532 -36.76 14.28 -21.77
C SER A 532 -36.71 14.44 -23.29
N GLU A 533 -36.25 15.63 -23.71
CA GLU A 533 -35.94 15.89 -25.11
C GLU A 533 -34.88 14.92 -25.63
N ALA A 534 -33.76 14.83 -24.89
CA ALA A 534 -32.63 14.02 -25.32
C ALA A 534 -32.95 12.54 -25.31
N THR A 535 -33.96 12.12 -24.56
CA THR A 535 -34.48 10.77 -24.71
C THR A 535 -35.13 10.60 -26.08
N ALA A 536 -36.19 11.38 -26.33
CA ALA A 536 -37.07 11.17 -27.47
C ALA A 536 -36.48 11.65 -28.79
N LYS A 537 -35.28 12.23 -28.79
CA LYS A 537 -34.70 12.67 -30.06
C LYS A 537 -34.23 11.52 -30.93
N TYR A 538 -34.03 10.31 -30.38
CA TYR A 538 -33.53 9.19 -31.17
C TYR A 538 -34.23 7.89 -30.82
N LEU A 539 -35.38 7.95 -30.17
CA LEU A 539 -35.88 6.85 -29.37
C LEU A 539 -36.81 5.92 -30.15
N ASP A 540 -36.67 5.85 -31.49
CA ASP A 540 -37.31 4.90 -32.40
C ASP A 540 -38.84 5.08 -32.52
N ASP A 541 -39.43 5.96 -31.70
CA ASP A 541 -40.82 6.40 -31.74
C ASP A 541 -41.84 5.24 -31.68
N ARG A 542 -41.47 4.11 -31.07
CA ARG A 542 -42.31 2.91 -31.09
C ARG A 542 -43.26 2.84 -29.92
N TYR A 543 -43.66 3.98 -29.36
CA TYR A 543 -44.36 3.99 -28.09
C TYR A 543 -45.49 5.02 -28.18
N GLU A 544 -46.07 5.34 -27.04
CA GLU A 544 -47.11 6.36 -26.94
C GLU A 544 -46.47 7.62 -26.38
N MET A 545 -46.09 8.52 -27.27
CA MET A 545 -45.50 9.78 -26.85
C MET A 545 -46.57 10.83 -26.62
N GLU A 546 -46.43 11.57 -25.52
CA GLU A 546 -47.38 12.60 -25.14
C GLU A 546 -46.63 13.80 -24.64
N ASP A 547 -47.37 14.89 -24.43
CA ASP A 547 -46.78 16.12 -23.90
C ASP A 547 -46.55 15.95 -22.40
N GLY A 548 -45.30 16.08 -21.99
CA GLY A 548 -45.06 16.41 -20.60
C GLY A 548 -45.03 17.93 -20.51
N LYS A 549 -46.18 18.53 -20.20
CA LYS A 549 -46.32 19.97 -20.22
C LYS A 549 -46.13 20.52 -18.82
N VAL A 550 -45.93 21.83 -18.77
CA VAL A 550 -45.76 22.53 -17.50
C VAL A 550 -47.08 22.55 -16.75
N THR A 551 -46.99 22.39 -15.44
CA THR A 551 -48.09 22.74 -14.57
C THR A 551 -48.24 24.25 -14.43
N GLU A 552 -47.14 24.98 -14.60
CA GLU A 552 -47.16 26.45 -14.65
C GLU A 552 -46.71 26.93 -16.03
N LEU A 566 -38.77 21.26 -19.57
CA LEU A 566 -38.21 22.00 -20.68
C LEU A 566 -38.11 21.08 -21.89
N LYS A 567 -39.16 21.10 -22.72
CA LYS A 567 -39.30 20.30 -23.95
C LYS A 567 -39.23 18.80 -23.65
N THR A 568 -40.27 18.33 -22.94
CA THR A 568 -40.26 17.02 -22.31
C THR A 568 -41.53 16.24 -22.71
N TYR A 569 -41.37 14.94 -22.92
CA TYR A 569 -42.46 14.06 -23.33
C TYR A 569 -42.77 13.01 -22.27
N LEU A 570 -43.83 12.25 -22.55
CA LEU A 570 -44.31 11.19 -21.69
C LEU A 570 -44.47 9.91 -22.50
N ILE A 571 -44.15 8.77 -21.89
CA ILE A 571 -44.41 7.47 -22.51
C ILE A 571 -45.27 6.66 -21.55
N ALA A 572 -46.33 6.05 -22.08
CA ALA A 572 -47.18 5.15 -21.31
C ALA A 572 -46.97 3.68 -21.64
N GLY A 573 -46.71 3.35 -22.90
CA GLY A 573 -46.49 1.97 -23.30
C GLY A 573 -46.35 1.77 -24.79
N GLN A 574 -46.77 0.58 -25.27
CA GLN A 574 -46.74 0.18 -26.68
C GLN A 574 -45.35 0.27 -27.30
N PHE A 780 10.26 -27.51 21.95
CA PHE A 780 11.38 -28.45 22.03
C PHE A 780 12.01 -28.67 20.67
N ALA A 781 13.17 -29.32 20.68
CA ALA A 781 13.88 -29.78 19.47
C ALA A 781 14.23 -28.64 18.52
N SER A 782 14.76 -27.55 19.07
CA SER A 782 15.25 -26.45 18.26
C SER A 782 16.71 -26.67 17.89
N ALA A 783 17.18 -25.88 16.92
CA ALA A 783 18.44 -26.13 16.22
C ALA A 783 19.67 -25.97 17.10
N THR A 784 19.89 -24.76 17.61
CA THR A 784 20.95 -24.57 18.59
C THR A 784 20.60 -25.23 19.92
N PHE A 785 19.31 -25.47 20.19
CA PHE A 785 18.91 -26.20 21.38
C PHE A 785 19.31 -27.67 21.29
N SER A 786 19.31 -28.24 20.10
CA SER A 786 19.83 -29.59 19.93
C SER A 786 21.35 -29.58 19.85
N SER A 787 21.93 -28.48 19.37
CA SER A 787 23.39 -28.37 19.34
C SER A 787 23.98 -28.28 20.74
N LEU A 788 23.19 -27.79 21.69
CA LEU A 788 23.50 -27.95 23.11
C LEU A 788 23.73 -29.41 23.46
N LEU A 789 22.87 -30.29 22.94
CA LEU A 789 22.95 -31.68 23.36
C LEU A 789 24.02 -32.43 22.58
N ASP A 790 24.26 -32.07 21.32
CA ASP A 790 25.29 -32.83 20.63
C ASP A 790 26.69 -32.37 21.02
N VAL A 791 26.85 -31.10 21.35
CA VAL A 791 28.15 -30.65 21.87
C VAL A 791 28.35 -31.12 23.30
N LEU A 792 27.37 -30.85 24.19
CA LEU A 792 27.49 -31.18 25.61
C LEU A 792 27.55 -32.69 25.82
N LEU A 793 26.68 -33.41 25.13
CA LEU A 793 26.75 -34.87 25.12
C LEU A 793 28.06 -35.35 24.48
N SER A 794 28.52 -34.65 23.44
CA SER A 794 29.75 -35.04 22.76
C SER A 794 30.97 -34.88 23.67
N THR A 795 30.92 -33.95 24.60
CA THR A 795 32.08 -33.76 25.46
C THR A 795 31.94 -34.53 26.77
N THR A 796 30.75 -34.96 27.17
CA THR A 796 30.76 -35.92 28.27
C THR A 796 31.15 -37.29 27.78
N VAL A 797 30.80 -37.63 26.53
CA VAL A 797 31.29 -38.88 26.02
C VAL A 797 32.75 -38.75 25.65
N PHE A 798 33.20 -37.56 25.28
CA PHE A 798 34.64 -37.34 25.11
C PHE A 798 35.37 -37.42 26.44
N LEU A 799 34.69 -37.02 27.52
CA LEU A 799 35.26 -37.12 28.85
C LEU A 799 35.55 -38.57 29.21
N ILE A 800 34.54 -39.45 29.08
CA ILE A 800 34.84 -40.85 29.36
C ILE A 800 35.66 -41.51 28.25
N LEU A 801 35.74 -40.90 27.06
CA LEU A 801 36.68 -41.35 26.04
C LEU A 801 38.12 -41.23 26.52
N SER A 802 38.57 -40.00 26.82
CA SER A 802 39.97 -39.81 27.20
C SER A 802 40.26 -40.39 28.58
N ILE A 803 39.27 -40.37 29.48
CA ILE A 803 39.37 -41.07 30.76
C ILE A 803 39.64 -42.55 30.55
N THR A 804 38.90 -43.17 29.63
CA THR A 804 39.15 -44.57 29.31
C THR A 804 40.50 -44.74 28.61
N CYS A 805 40.95 -43.74 27.85
CA CYS A 805 42.26 -43.78 27.19
C CYS A 805 43.39 -43.77 28.20
N PHE A 806 43.18 -43.20 29.38
CA PHE A 806 44.24 -43.23 30.36
C PHE A 806 44.05 -44.29 31.45
N LEU A 807 42.86 -44.45 32.03
CA LEU A 807 42.70 -45.40 33.13
C LEU A 807 42.47 -46.84 32.68
N ARG A 808 42.86 -47.18 31.45
CA ARG A 808 43.25 -48.55 31.18
C ARG A 808 44.48 -48.92 32.00
N TYR A 809 45.35 -47.93 32.25
CA TYR A 809 46.51 -48.14 33.10
C TYR A 809 46.07 -48.37 34.54
N GLY A 810 45.90 -49.63 34.88
CA GLY A 810 45.72 -50.08 36.25
C GLY A 810 46.95 -50.89 36.61
N ALA A 811 47.58 -51.46 35.59
CA ALA A 811 48.92 -51.99 35.72
C ALA A 811 49.99 -50.92 35.57
N ALA A 812 49.59 -49.70 35.23
CA ALA A 812 50.45 -48.53 35.24
C ALA A 812 49.69 -47.39 35.89
N SER A 813 50.37 -46.25 36.09
CA SER A 813 49.72 -45.12 36.74
C SER A 813 49.70 -43.86 35.89
N THR A 814 50.52 -43.79 34.84
CA THR A 814 50.60 -42.56 34.07
C THR A 814 50.95 -42.86 32.62
N PRO A 815 50.41 -42.07 31.69
CA PRO A 815 50.86 -42.17 30.29
C PRO A 815 52.24 -41.56 30.14
N PRO A 816 53.10 -42.17 29.32
CA PRO A 816 54.50 -41.71 29.24
C PRO A 816 54.71 -40.32 28.66
N PRO A 817 54.13 -39.92 27.51
CA PRO A 817 54.51 -38.59 26.97
C PRO A 817 53.73 -37.47 27.64
N PRO A 818 54.34 -36.28 27.78
CA PRO A 818 53.58 -35.13 28.28
C PRO A 818 52.73 -34.46 27.22
N ALA A 819 53.01 -34.70 25.94
CA ALA A 819 52.20 -34.13 24.86
C ALA A 819 50.79 -34.72 24.85
N ALA A 820 50.61 -35.93 25.41
CA ALA A 820 49.28 -36.46 25.66
C ALA A 820 48.52 -35.59 26.64
N LEU A 821 49.19 -35.11 27.68
CA LEU A 821 48.56 -34.20 28.63
C LEU A 821 48.37 -32.81 28.02
N ALA A 822 49.18 -32.46 27.01
CA ALA A 822 48.95 -31.20 26.30
C ALA A 822 47.70 -31.28 25.43
N VAL A 823 47.51 -32.41 24.74
CA VAL A 823 46.31 -32.63 23.94
C VAL A 823 45.07 -32.70 24.84
N PHE A 824 45.22 -33.31 26.02
CA PHE A 824 44.19 -33.26 27.05
C PHE A 824 43.88 -31.83 27.46
N GLY A 825 44.93 -31.00 27.58
CA GLY A 825 44.75 -29.65 28.06
C GLY A 825 44.04 -28.73 27.07
N ALA A 826 44.60 -28.59 25.88
CA ALA A 826 43.98 -27.69 24.88
C ALA A 826 42.67 -28.26 24.36
N ALA A 827 42.54 -29.60 24.35
CA ALA A 827 41.29 -30.22 23.92
C ALA A 827 40.17 -29.98 24.93
N LEU A 828 40.43 -30.22 26.22
CA LEU A 828 39.40 -30.02 27.22
C LEU A 828 39.09 -28.54 27.41
N LEU A 829 40.09 -27.66 27.24
CA LEU A 829 39.83 -26.23 27.34
C LEU A 829 39.02 -25.71 26.16
N LEU A 830 39.25 -26.26 24.95
CA LEU A 830 38.46 -25.82 23.79
C LEU A 830 37.03 -26.32 23.90
N GLU A 831 36.84 -27.57 24.33
CA GLU A 831 35.48 -28.09 24.45
C GLU A 831 34.73 -27.41 25.60
N ILE A 832 35.44 -27.02 26.66
CA ILE A 832 34.75 -26.33 27.75
C ILE A 832 34.46 -24.87 27.39
N LEU A 833 35.27 -24.25 26.51
CA LEU A 833 34.95 -22.88 26.12
C LEU A 833 33.78 -22.85 25.14
N SER A 834 33.73 -23.83 24.23
CA SER A 834 32.55 -23.99 23.39
C SER A 834 31.32 -24.31 24.23
N LEU A 835 31.51 -25.08 25.30
CA LEU A 835 30.43 -25.43 26.23
C LEU A 835 29.85 -24.18 26.88
N VAL A 836 30.68 -23.39 27.56
CA VAL A 836 30.19 -22.25 28.33
C VAL A 836 29.68 -21.14 27.42
N VAL A 837 30.34 -20.95 26.27
CA VAL A 837 29.92 -19.95 25.28
C VAL A 837 28.53 -20.29 24.72
N SER A 838 28.30 -21.55 24.39
CA SER A 838 27.00 -21.93 23.85
C SER A 838 25.91 -21.93 24.92
N VAL A 839 26.22 -22.43 26.13
CA VAL A 839 25.16 -22.57 27.13
C VAL A 839 24.76 -21.21 27.71
N ARG A 840 25.72 -20.28 27.89
CA ARG A 840 25.36 -18.93 28.27
C ARG A 840 24.89 -18.10 27.09
N MET A 841 25.11 -18.56 25.87
CA MET A 841 24.47 -17.94 24.72
C MET A 841 22.98 -18.29 24.69
N VAL A 842 22.62 -19.48 25.18
CA VAL A 842 21.24 -19.94 25.05
C VAL A 842 20.37 -19.60 26.26
N PHE A 843 20.77 -20.01 27.47
CA PHE A 843 19.82 -19.99 28.58
C PHE A 843 19.53 -18.62 29.19
N PHE A 844 20.04 -17.52 28.59
CA PHE A 844 19.52 -16.16 28.72
C PHE A 844 19.62 -15.64 30.17
N LEU A 845 20.86 -15.47 30.62
CA LEU A 845 21.09 -14.85 31.92
C LEU A 845 21.01 -13.33 31.86
N GLU A 846 21.78 -12.72 30.94
CA GLU A 846 21.78 -11.28 30.64
C GLU A 846 22.15 -10.45 31.88
N ASP A 847 23.19 -10.89 32.58
CA ASP A 847 23.60 -10.27 33.84
C ASP A 847 24.81 -9.36 33.65
N VAL A 848 25.92 -9.89 33.15
CA VAL A 848 27.15 -9.13 33.06
C VAL A 848 27.20 -8.39 31.73
N MET A 849 27.25 -9.15 30.64
CA MET A 849 27.40 -8.58 29.31
C MET A 849 27.03 -9.62 28.25
N THR A 850 26.27 -9.20 27.23
CA THR A 850 25.89 -10.07 26.14
C THR A 850 26.40 -9.60 24.79
N CYS A 851 27.07 -8.43 24.74
CA CYS A 851 27.53 -7.90 23.46
C CYS A 851 28.70 -8.67 22.90
N THR A 852 29.41 -9.46 23.71
CA THR A 852 30.46 -10.32 23.18
C THR A 852 29.85 -11.53 22.46
N LYS A 853 28.61 -11.90 22.81
CA LYS A 853 27.91 -12.92 22.05
C LYS A 853 27.53 -12.40 20.67
N ARG A 854 27.05 -11.15 20.60
CA ARG A 854 26.73 -10.54 19.32
C ARG A 854 27.97 -10.28 18.50
N LEU A 855 29.07 -9.89 19.14
CA LEU A 855 30.31 -9.57 18.44
C LEU A 855 31.16 -10.78 18.11
N LEU A 856 30.90 -11.93 18.73
CA LEU A 856 31.64 -13.14 18.38
C LEU A 856 30.83 -14.07 17.49
N GLU A 857 29.51 -14.11 17.67
CA GLU A 857 28.63 -14.75 16.69
C GLU A 857 28.42 -13.84 15.48
N TRP A 858 28.86 -12.58 15.57
CA TRP A 858 28.86 -11.67 14.43
C TRP A 858 29.80 -12.14 13.32
N ILE A 859 30.82 -12.93 13.68
CA ILE A 859 31.70 -13.53 12.69
C ILE A 859 31.49 -15.04 12.56
N ALA A 860 30.51 -15.59 13.28
CA ALA A 860 30.22 -17.03 13.23
C ALA A 860 29.00 -17.25 12.33
N GLY A 861 29.22 -17.18 11.03
CA GLY A 861 28.17 -17.39 10.05
C GLY A 861 27.96 -18.84 9.73
N TRP A 862 27.40 -19.09 8.53
CA TRP A 862 27.05 -20.44 8.14
C TRP A 862 28.29 -21.26 7.75
N LEU A 863 29.39 -20.60 7.37
CA LEU A 863 30.68 -21.26 7.14
C LEU A 863 31.50 -21.54 8.41
N PRO A 864 31.57 -20.64 9.42
CA PRO A 864 32.17 -21.07 10.71
C PRO A 864 31.40 -22.16 11.41
N ARG A 865 30.15 -22.40 11.04
CA ARG A 865 29.45 -23.62 11.44
C ARG A 865 30.20 -24.86 10.94
N HIS A 866 30.52 -24.89 9.65
CA HIS A 866 31.37 -25.93 9.05
C HIS A 866 32.70 -26.03 9.78
N PHE A 867 33.33 -24.89 10.07
CA PHE A 867 34.71 -24.94 10.52
C PHE A 867 34.85 -25.30 12.00
N ILE A 868 34.12 -24.62 12.90
CA ILE A 868 34.26 -24.98 14.32
C ILE A 868 33.60 -26.33 14.58
N GLY A 869 32.62 -26.72 13.75
CA GLY A 869 32.14 -28.09 13.75
C GLY A 869 33.26 -29.07 13.41
N ALA A 870 34.10 -28.71 12.45
CA ALA A 870 35.25 -29.55 12.12
C ALA A 870 36.29 -29.54 13.24
N ILE A 871 36.34 -28.48 14.04
CA ILE A 871 37.29 -28.44 15.16
C ILE A 871 36.88 -29.44 16.23
N LEU A 872 35.67 -29.25 16.78
CA LEU A 872 35.18 -30.11 17.86
C LEU A 872 35.01 -31.55 17.41
N VAL A 873 34.74 -31.78 16.12
CA VAL A 873 34.74 -33.14 15.58
C VAL A 873 36.15 -33.72 15.53
N SER A 874 37.12 -32.96 15.02
CA SER A 874 38.42 -33.52 14.69
C SER A 874 39.34 -33.72 15.89
N LEU A 875 39.12 -33.03 17.01
CA LEU A 875 40.06 -33.20 18.11
C LEU A 875 40.04 -34.52 18.95
N PRO A 876 38.90 -35.20 19.19
CA PRO A 876 38.99 -36.47 19.95
C PRO A 876 39.78 -37.59 19.27
N ALA A 877 39.92 -37.56 17.94
CA ALA A 877 40.78 -38.54 17.28
C ALA A 877 42.24 -38.32 17.61
N LEU A 878 42.65 -37.06 17.78
CA LEU A 878 43.99 -36.80 18.30
C LEU A 878 44.09 -37.18 19.78
N ALA A 879 42.97 -37.09 20.51
CA ALA A 879 43.01 -37.49 21.91
C ALA A 879 43.07 -39.01 22.09
N VAL A 880 42.63 -39.79 21.11
CA VAL A 880 42.97 -41.21 21.13
C VAL A 880 44.32 -41.43 20.45
N TYR A 881 44.82 -40.42 19.74
CA TYR A 881 46.24 -40.36 19.40
C TYR A 881 47.06 -39.66 20.48
N SER A 882 46.60 -39.68 21.73
CA SER A 882 47.46 -39.40 22.87
C SER A 882 48.39 -40.56 23.19
N HIS A 883 48.12 -41.75 22.65
CA HIS A 883 48.93 -42.94 22.85
C HIS A 883 49.56 -43.44 21.55
N VAL A 884 49.99 -42.55 20.65
CA VAL A 884 50.28 -42.97 19.28
C VAL A 884 51.78 -42.98 18.92
N THR A 885 52.61 -42.21 19.61
CA THR A 885 53.95 -41.90 19.07
C THR A 885 54.91 -43.07 19.24
N SER A 886 55.17 -43.49 20.46
CA SER A 886 56.18 -44.51 20.72
C SER A 886 55.51 -45.89 20.73
N GLU A 887 56.20 -46.87 21.32
CA GLU A 887 55.85 -48.30 21.31
C GLU A 887 54.39 -48.59 21.69
N PHE A 888 53.79 -49.59 21.00
CA PHE A 888 52.52 -50.14 21.44
C PHE A 888 52.33 -51.65 21.29
N GLU A 889 53.38 -52.44 20.99
CA GLU A 889 53.23 -53.90 21.03
C GLU A 889 54.37 -54.61 21.77
N THR A 890 54.77 -54.09 22.94
CA THR A 890 55.39 -54.99 23.91
C THR A 890 54.37 -56.01 24.36
N ASN A 891 53.24 -55.52 24.85
CA ASN A 891 52.03 -56.30 24.96
C ASN A 891 51.16 -55.95 23.76
N ILE A 892 50.63 -56.97 23.09
CA ILE A 892 49.76 -56.73 21.94
C ILE A 892 48.38 -56.31 22.42
N HIS A 893 48.09 -56.50 23.72
CA HIS A 893 46.83 -56.05 24.29
C HIS A 893 46.68 -54.55 24.18
N SER A 894 47.79 -53.81 24.32
CA SER A 894 47.79 -52.39 24.03
C SER A 894 47.47 -52.10 22.57
N THR A 895 47.97 -52.94 21.67
CA THR A 895 47.80 -52.69 20.24
C THR A 895 46.38 -52.95 19.79
N MET A 896 45.86 -54.14 20.10
CA MET A 896 44.47 -54.48 19.80
C MET A 896 43.52 -53.55 20.51
N PHE A 897 43.90 -53.13 21.72
CA PHE A 897 43.04 -52.25 22.49
C PHE A 897 43.00 -50.85 21.88
N THR A 898 44.13 -50.35 21.39
CA THR A 898 44.08 -49.01 20.82
C THR A 898 43.48 -49.01 19.43
N GLY A 899 43.55 -50.15 18.72
CA GLY A 899 42.82 -50.26 17.47
C GLY A 899 41.32 -50.25 17.69
N SER A 900 40.86 -51.06 18.64
CA SER A 900 39.45 -51.04 19.04
C SER A 900 39.05 -49.68 19.59
N ALA A 901 40.01 -48.96 20.17
CA ALA A 901 39.74 -47.63 20.72
C ALA A 901 39.47 -46.63 19.62
N VAL A 902 40.37 -46.55 18.63
CA VAL A 902 40.18 -45.54 17.59
C VAL A 902 39.01 -45.91 16.70
N LEU A 903 38.75 -47.21 16.50
CA LEU A 903 37.57 -47.55 15.72
C LEU A 903 36.31 -47.35 16.55
N THR A 904 36.44 -47.32 17.87
CA THR A 904 35.28 -46.95 18.67
C THR A 904 35.01 -45.46 18.56
N ALA A 905 36.02 -44.64 18.80
CA ALA A 905 35.82 -43.21 18.90
C ALA A 905 35.59 -42.56 17.54
N VAL A 906 35.88 -43.27 16.45
CA VAL A 906 35.67 -42.68 15.14
C VAL A 906 34.20 -42.52 14.79
N VAL A 907 33.30 -43.25 15.47
CA VAL A 907 31.87 -43.21 15.14
C VAL A 907 31.19 -41.93 15.60
N GLN A 908 31.92 -41.10 16.34
CA GLN A 908 31.37 -39.91 16.98
C GLN A 908 30.89 -38.88 15.97
N TYR A 909 31.38 -38.92 14.73
CA TYR A 909 31.38 -37.73 13.89
C TYR A 909 30.02 -37.38 13.30
N CYS A 910 29.01 -38.24 13.46
CA CYS A 910 27.70 -37.93 12.88
C CYS A 910 26.90 -36.92 13.68
N ASN A 911 27.30 -36.61 14.93
CA ASN A 911 26.42 -35.92 15.87
C ASN A 911 26.06 -34.52 15.41
N PHE A 912 26.93 -33.89 14.63
CA PHE A 912 26.55 -32.70 13.89
C PHE A 912 25.85 -33.15 12.61
N CYS A 913 24.56 -33.46 12.74
CA CYS A 913 23.75 -33.79 11.57
C CYS A 913 23.39 -32.57 10.74
N GLN A 914 23.78 -31.38 11.20
CA GLN A 914 23.43 -30.11 10.58
C GLN A 914 24.54 -29.54 9.71
N LEU A 915 25.47 -30.35 9.22
CA LEU A 915 26.40 -29.93 8.17
C LEU A 915 26.34 -30.93 7.03
N SER A 916 27.09 -30.66 5.96
CA SER A 916 26.85 -31.30 4.67
C SER A 916 27.48 -32.69 4.60
N SER A 917 27.10 -33.43 3.55
CA SER A 917 27.35 -34.87 3.47
C SER A 917 28.72 -35.20 2.87
N TRP A 918 29.04 -34.62 1.70
CA TRP A 918 30.38 -34.76 1.13
C TRP A 918 31.44 -34.17 2.05
N MET A 919 31.08 -33.09 2.76
CA MET A 919 32.07 -32.34 3.54
C MET A 919 32.37 -33.05 4.84
N ARG A 920 31.33 -33.36 5.63
CA ARG A 920 31.57 -34.09 6.87
C ARG A 920 31.95 -35.54 6.62
N SER A 921 31.38 -36.17 5.59
CA SER A 921 31.68 -37.57 5.32
C SER A 921 33.10 -37.73 4.78
N SER A 922 33.53 -36.78 3.95
CA SER A 922 34.91 -36.80 3.44
C SER A 922 35.91 -36.44 4.53
N LEU A 923 35.62 -35.43 5.35
CA LEU A 923 36.49 -35.07 6.47
C LEU A 923 36.58 -36.19 7.48
N ALA A 924 35.44 -36.84 7.74
CA ALA A 924 35.37 -38.02 8.58
C ALA A 924 36.19 -39.15 7.99
N THR A 925 36.18 -39.28 6.67
CA THR A 925 37.00 -40.29 6.02
C THR A 925 38.48 -40.00 6.19
N VAL A 926 38.86 -38.72 6.14
CA VAL A 926 40.27 -38.34 6.25
C VAL A 926 40.78 -38.65 7.66
N VAL A 927 40.18 -38.03 8.66
CA VAL A 927 40.66 -38.18 10.04
C VAL A 927 40.40 -39.58 10.56
N GLY A 928 39.38 -40.25 10.03
CA GLY A 928 39.16 -41.64 10.38
C GLY A 928 39.74 -42.63 9.40
N ALA A 929 40.69 -42.22 8.56
CA ALA A 929 41.28 -43.16 7.63
C ALA A 929 42.79 -43.05 7.45
N GLY A 930 43.44 -41.99 7.95
CA GLY A 930 44.86 -41.85 7.70
C GLY A 930 45.79 -42.85 8.40
N PRO A 931 45.96 -42.69 9.72
CA PRO A 931 47.03 -43.44 10.41
C PRO A 931 46.66 -44.89 10.70
N LEU A 932 45.49 -45.32 10.28
CA LEU A 932 45.11 -46.72 10.44
C LEU A 932 45.77 -47.57 9.37
N LEU A 933 45.46 -47.28 8.11
CA LEU A 933 46.16 -47.89 6.99
C LEU A 933 47.65 -47.58 7.01
N LEU A 934 48.00 -46.32 7.30
CA LEU A 934 49.41 -45.95 7.23
C LEU A 934 50.20 -46.54 8.39
N LEU A 935 49.59 -46.63 9.58
CA LEU A 935 50.27 -47.28 10.69
C LEU A 935 50.16 -48.80 10.66
N LEU A 936 49.40 -49.38 9.72
CA LEU A 936 49.55 -50.80 9.49
C LEU A 936 50.86 -51.12 8.77
N TYR A 937 51.43 -50.17 8.05
CA TYR A 937 52.47 -50.48 7.09
C TYR A 937 53.89 -50.42 7.64
N VAL A 938 54.11 -49.82 8.81
CA VAL A 938 55.44 -49.75 9.41
C VAL A 938 55.56 -50.82 10.49
N SER A 939 56.63 -51.60 10.43
CA SER A 939 56.86 -52.66 11.40
C SER A 939 58.34 -52.87 11.68
N ALA A 976 49.68 -58.23 13.50
CA ALA A 976 50.89 -57.66 12.93
C ALA A 976 51.40 -58.50 11.77
N SER A 977 50.65 -59.52 11.38
CA SER A 977 51.02 -60.38 10.27
C SER A 977 49.98 -60.44 9.16
N LEU A 978 48.70 -60.61 9.50
CA LEU A 978 47.68 -60.93 8.51
C LEU A 978 46.35 -60.20 8.67
N ILE A 979 46.27 -59.18 9.53
CA ILE A 979 44.98 -58.67 9.99
C ILE A 979 44.31 -57.72 9.00
N GLY A 980 45.01 -57.35 7.94
CA GLY A 980 44.67 -56.12 7.21
C GLY A 980 43.35 -56.17 6.46
N GLN A 981 43.09 -57.28 5.75
CA GLN A 981 41.86 -57.43 4.96
C GLN A 981 40.63 -57.30 5.83
N GLU A 982 40.62 -57.96 6.99
CA GLU A 982 39.44 -57.93 7.82
C GLU A 982 39.32 -56.60 8.57
N VAL A 983 40.45 -56.05 9.04
CA VAL A 983 40.31 -54.83 9.84
C VAL A 983 39.97 -53.63 8.97
N ILE A 984 40.52 -53.53 7.76
CA ILE A 984 40.20 -52.34 6.99
C ILE A 984 39.06 -52.61 6.02
N LEU A 985 38.69 -53.88 5.86
CA LEU A 985 37.40 -54.17 5.23
C LEU A 985 36.26 -53.72 6.14
N VAL A 986 36.39 -53.97 7.45
CA VAL A 986 35.34 -53.47 8.31
C VAL A 986 35.47 -51.96 8.49
N PHE A 987 36.68 -51.40 8.27
CA PHE A 987 36.75 -49.96 8.05
C PHE A 987 36.01 -49.53 6.79
N PHE A 988 35.95 -50.39 5.78
CA PHE A 988 35.28 -49.98 4.55
C PHE A 988 33.77 -49.93 4.74
N LEU A 989 33.20 -50.94 5.40
CA LEU A 989 31.76 -50.88 5.67
C LEU A 989 31.45 -49.79 6.67
N LEU A 990 32.40 -49.53 7.58
CA LEU A 990 32.33 -48.37 8.46
C LEU A 990 32.21 -47.07 7.68
N LEU A 991 33.02 -46.93 6.64
CA LEU A 991 33.10 -45.65 5.97
C LEU A 991 31.93 -45.43 5.01
N LEU A 992 31.57 -46.43 4.23
CA LEU A 992 30.36 -46.29 3.41
C LEU A 992 29.12 -46.18 4.28
N LEU A 993 29.14 -46.85 5.44
CA LEU A 993 28.08 -46.72 6.43
C LEU A 993 27.92 -45.29 6.91
N VAL A 994 29.03 -44.65 7.30
CA VAL A 994 28.91 -43.33 7.90
C VAL A 994 28.58 -42.29 6.83
N TRP A 995 29.12 -42.47 5.61
CA TRP A 995 28.79 -41.61 4.46
C TRP A 995 27.30 -41.63 4.16
N PHE A 996 26.76 -42.83 3.90
CA PHE A 996 25.35 -43.00 3.60
C PHE A 996 24.45 -42.52 4.73
N LEU A 997 24.86 -42.81 5.96
CA LEU A 997 24.00 -42.55 7.11
C LEU A 997 23.88 -41.06 7.39
N ASN A 998 25.01 -40.37 7.55
CA ASN A 998 24.90 -38.95 7.89
C ASN A 998 24.44 -38.13 6.70
N ARG A 999 24.71 -38.63 5.48
CA ARG A 999 24.05 -38.13 4.28
C ARG A 999 22.55 -38.13 4.46
N GLU A 1000 22.01 -39.26 4.89
CA GLU A 1000 20.57 -39.39 5.10
C GLU A 1000 20.05 -38.42 6.16
N PHE A 1001 20.80 -38.27 7.25
CA PHE A 1001 20.31 -37.39 8.32
C PHE A 1001 20.38 -35.92 7.94
N GLU A 1002 21.41 -35.51 7.22
CA GLU A 1002 21.48 -34.10 6.87
C GLU A 1002 20.46 -33.73 5.81
N VAL A 1003 20.13 -34.68 4.92
CA VAL A 1003 19.02 -34.48 4.00
C VAL A 1003 17.71 -34.33 4.77
N SER A 1004 17.53 -35.16 5.80
CA SER A 1004 16.32 -35.06 6.63
C SER A 1004 16.22 -33.72 7.34
N TYR A 1005 17.37 -33.19 7.77
CA TYR A 1005 17.39 -31.90 8.45
C TYR A 1005 17.02 -30.77 7.50
N ARG A 1006 17.59 -30.80 6.28
CA ARG A 1006 17.27 -29.81 5.25
C ARG A 1006 15.79 -29.81 4.91
N LEU A 1007 15.20 -31.01 4.81
CA LEU A 1007 13.77 -31.10 4.54
C LEU A 1007 12.93 -30.55 5.67
N HIS A 1008 13.41 -30.68 6.91
CA HIS A 1008 12.70 -30.04 8.02
C HIS A 1008 12.71 -28.53 7.91
N TYR A 1009 13.85 -27.95 7.54
CA TYR A 1009 13.92 -26.50 7.44
C TYR A 1009 13.03 -25.96 6.32
N HIS A 1010 13.03 -26.65 5.17
CA HIS A 1010 12.10 -26.37 4.07
C HIS A 1010 10.64 -26.36 4.53
N GLY A 1011 10.21 -27.46 5.15
CA GLY A 1011 8.87 -27.61 5.66
C GLY A 1011 8.50 -26.69 6.79
N ASP A 1012 9.46 -25.96 7.38
CA ASP A 1012 9.10 -24.88 8.29
C ASP A 1012 8.90 -23.56 7.55
N VAL A 1013 9.79 -23.27 6.59
CA VAL A 1013 9.78 -21.99 5.89
C VAL A 1013 8.46 -21.77 5.14
N GLU A 1014 8.01 -22.80 4.40
CA GLU A 1014 6.82 -22.59 3.55
C GLU A 1014 5.56 -22.37 4.37
N ALA A 1015 5.42 -23.09 5.49
CA ALA A 1015 4.28 -22.89 6.37
C ALA A 1015 4.29 -21.50 7.00
N ASP A 1016 5.49 -20.96 7.27
CA ASP A 1016 5.58 -19.60 7.79
C ASP A 1016 5.02 -18.59 6.78
N LEU A 1017 5.42 -18.73 5.50
CA LEU A 1017 4.94 -17.78 4.48
C LEU A 1017 3.43 -17.86 4.29
N HIS A 1018 2.86 -19.07 4.26
CA HIS A 1018 1.41 -19.18 4.11
C HIS A 1018 0.67 -18.64 5.33
N ARG A 1019 1.26 -18.75 6.52
CA ARG A 1019 0.68 -18.13 7.71
C ARG A 1019 0.64 -16.60 7.58
N THR A 1020 1.71 -16.00 7.04
CA THR A 1020 1.72 -14.56 6.83
C THR A 1020 0.64 -14.13 5.83
N LYS A 1021 0.45 -14.91 4.76
CA LYS A 1021 -0.54 -14.51 3.76
C LYS A 1021 -1.97 -14.62 4.31
N ILE A 1022 -2.24 -15.59 5.19
CA ILE A 1022 -3.60 -15.60 5.74
C ILE A 1022 -3.77 -14.49 6.78
N GLN A 1023 -2.67 -14.01 7.39
CA GLN A 1023 -2.80 -12.86 8.27
C GLN A 1023 -3.17 -11.60 7.50
N SER A 1024 -2.53 -11.39 6.34
CA SER A 1024 -2.87 -10.23 5.51
C SER A 1024 -4.28 -10.33 4.95
N MET A 1025 -4.72 -11.56 4.59
CA MET A 1025 -6.06 -11.75 4.08
C MET A 1025 -7.12 -11.45 5.13
N ARG A 1026 -6.86 -11.82 6.39
CA ARG A 1026 -7.86 -11.50 7.41
C ARG A 1026 -7.89 -10.01 7.72
N ASP A 1027 -6.74 -9.32 7.70
CA ASP A 1027 -6.77 -7.88 7.94
C ASP A 1027 -7.52 -7.14 6.84
N GLN A 1028 -7.29 -7.53 5.58
CA GLN A 1028 -7.91 -6.79 4.49
C GLN A 1028 -9.41 -7.09 4.40
N ALA A 1029 -9.79 -8.35 4.54
CA ALA A 1029 -11.20 -8.72 4.45
C ALA A 1029 -12.01 -8.19 5.63
N ASP A 1030 -11.51 -8.39 6.85
CA ASP A 1030 -12.26 -7.89 7.99
C ASP A 1030 -12.17 -6.37 8.09
N TRP A 1031 -11.17 -5.77 7.44
CA TRP A 1031 -11.18 -4.32 7.26
C TRP A 1031 -12.31 -3.87 6.35
N LEU A 1032 -12.66 -4.65 5.33
CA LEU A 1032 -13.84 -4.33 4.56
C LEU A 1032 -15.13 -4.54 5.36
N LEU A 1033 -15.15 -5.55 6.22
CA LEU A 1033 -16.37 -5.74 7.03
C LEU A 1033 -16.52 -4.62 8.05
N ARG A 1034 -15.41 -4.14 8.58
CA ARG A 1034 -15.48 -2.93 9.39
C ARG A 1034 -15.78 -1.70 8.55
N ASN A 1035 -15.50 -1.76 7.25
CA ASN A 1035 -15.85 -0.64 6.39
C ASN A 1035 -17.35 -0.56 6.19
N ILE A 1036 -17.96 -1.58 5.60
CA ILE A 1036 -19.26 -1.39 4.97
C ILE A 1036 -20.39 -1.29 5.98
N ILE A 1037 -20.44 -2.16 6.98
CA ILE A 1037 -21.60 -2.18 7.87
C ILE A 1037 -21.12 -1.85 9.27
N PRO A 1038 -22.01 -1.35 10.12
CA PRO A 1038 -21.61 -1.11 11.52
C PRO A 1038 -21.39 -2.37 12.34
N TYR A 1039 -21.09 -2.17 13.62
CA TYR A 1039 -20.38 -3.18 14.40
C TYR A 1039 -21.31 -4.15 15.11
N HIS A 1040 -22.27 -3.66 15.87
CA HIS A 1040 -23.15 -4.62 16.52
C HIS A 1040 -24.30 -5.05 15.63
N VAL A 1041 -24.50 -4.37 14.50
CA VAL A 1041 -25.35 -4.96 13.47
C VAL A 1041 -24.58 -6.04 12.73
N ALA A 1042 -23.24 -5.98 12.75
CA ALA A 1042 -22.47 -7.15 12.35
C ALA A 1042 -22.52 -8.22 13.43
N GLU A 1043 -22.74 -7.84 14.69
CA GLU A 1043 -22.92 -8.84 15.73
C GLU A 1043 -24.27 -9.53 15.61
N GLN A 1044 -25.28 -8.84 15.10
CA GLN A 1044 -26.57 -9.49 14.93
C GLN A 1044 -26.66 -10.24 13.60
N LEU A 1045 -26.08 -9.70 12.55
CA LEU A 1045 -26.19 -10.28 11.22
C LEU A 1045 -25.12 -11.33 10.94
N LYS A 1046 -24.01 -11.29 11.68
CA LYS A 1046 -22.79 -12.02 11.33
C LYS A 1046 -23.01 -13.53 11.27
N VAL A 1047 -23.93 -14.05 12.07
CA VAL A 1047 -24.23 -15.47 12.07
C VAL A 1047 -25.69 -15.72 11.67
N SER A 1048 -26.33 -14.78 11.01
CA SER A 1048 -27.75 -14.91 10.71
C SER A 1048 -28.05 -14.22 9.39
N GLN A 1049 -29.32 -13.94 9.14
CA GLN A 1049 -29.76 -13.38 7.86
C GLN A 1049 -30.61 -12.12 7.97
N THR A 1050 -31.41 -11.96 9.03
CA THR A 1050 -32.32 -10.83 9.18
C THR A 1050 -31.70 -9.72 10.03
N TYR A 1051 -32.35 -8.56 10.00
CA TYR A 1051 -32.13 -7.50 10.98
C TYR A 1051 -33.30 -6.53 10.91
N SER A 1052 -33.68 -6.03 12.09
CA SER A 1052 -34.64 -4.96 12.27
C SER A 1052 -34.50 -4.47 13.70
N LYS A 1053 -34.34 -3.16 13.92
CA LYS A 1053 -34.15 -2.73 15.29
C LYS A 1053 -34.83 -1.41 15.58
N ASN A 1054 -35.69 -1.42 16.58
CA ASN A 1054 -36.28 -0.21 17.13
C ASN A 1054 -35.21 0.62 17.85
N HIS A 1055 -35.38 1.95 17.78
CA HIS A 1055 -34.61 2.85 18.61
C HIS A 1055 -35.48 4.01 19.07
N ASP A 1056 -35.19 4.48 20.28
CA ASP A 1056 -36.07 5.35 21.05
C ASP A 1056 -35.57 6.77 21.20
N SER A 1057 -34.26 6.96 21.27
CA SER A 1057 -33.70 8.30 21.42
C SER A 1057 -32.30 8.29 20.84
N GLY A 1058 -32.05 9.17 19.88
CA GLY A 1058 -30.75 9.24 19.24
C GLY A 1058 -30.58 10.56 18.54
N GLY A 1059 -29.32 10.89 18.27
CA GLY A 1059 -28.99 12.14 17.63
C GLY A 1059 -28.55 11.99 16.20
N VAL A 1060 -28.84 13.01 15.39
CA VAL A 1060 -28.56 12.96 13.95
C VAL A 1060 -28.40 14.40 13.45
N ILE A 1061 -27.40 14.60 12.59
CA ILE A 1061 -27.11 15.91 12.03
C ILE A 1061 -26.95 15.79 10.52
N PHE A 1062 -27.26 16.88 9.84
CA PHE A 1062 -26.83 17.05 8.47
C PHE A 1062 -25.81 18.17 8.37
N ALA A 1063 -24.97 18.07 7.33
CA ALA A 1063 -23.99 19.08 6.98
C ALA A 1063 -24.11 19.37 5.50
N SER A 1064 -24.17 20.64 5.14
CA SER A 1064 -24.52 21.07 3.79
C SER A 1064 -23.46 22.04 3.29
N ILE A 1065 -22.66 21.59 2.32
CA ILE A 1065 -21.77 22.50 1.62
C ILE A 1065 -22.60 23.31 0.64
N VAL A 1066 -22.57 24.62 0.79
CA VAL A 1066 -23.47 25.48 0.05
C VAL A 1066 -22.99 25.67 -1.38
N ASN A 1067 -21.83 26.29 -1.51
CA ASN A 1067 -21.43 26.92 -2.77
C ASN A 1067 -20.62 25.99 -3.66
N PHE A 1068 -20.86 24.69 -3.58
CA PHE A 1068 -20.17 23.78 -4.49
C PHE A 1068 -20.69 23.88 -5.90
N SER A 1069 -21.93 24.33 -6.07
CA SER A 1069 -22.49 24.49 -7.40
C SER A 1069 -21.82 25.61 -8.17
N GLU A 1070 -21.53 26.73 -7.50
CA GLU A 1070 -20.91 27.86 -8.18
C GLU A 1070 -19.43 27.66 -8.42
N PHE A 1071 -18.82 26.75 -7.69
CA PHE A 1071 -17.40 26.44 -7.81
C PHE A 1071 -17.15 25.40 -8.88
N TYR A 1072 -18.20 24.88 -9.51
CA TYR A 1072 -18.14 23.59 -10.19
C TYR A 1072 -17.37 23.63 -11.49
N GLU A 1073 -17.41 24.76 -12.20
CA GLU A 1073 -17.37 24.90 -13.66
C GLU A 1073 -16.51 23.91 -14.45
N GLU A 1074 -17.10 23.32 -15.49
CA GLU A 1074 -16.59 22.09 -16.10
C GLU A 1074 -16.00 22.36 -17.48
N ASN A 1075 -15.22 23.42 -17.62
CA ASN A 1075 -14.55 23.69 -18.88
C ASN A 1075 -13.35 22.79 -19.13
N TYR A 1076 -12.96 21.97 -18.16
CA TYR A 1076 -11.78 21.13 -18.24
C TYR A 1076 -12.24 19.68 -18.52
N GLU A 1077 -11.29 18.74 -18.58
CA GLU A 1077 -11.59 17.36 -18.97
C GLU A 1077 -12.38 16.69 -17.85
N GLY A 1078 -13.70 16.89 -17.92
CA GLY A 1078 -14.60 16.45 -16.88
C GLY A 1078 -14.64 17.33 -15.66
N GLY A 1079 -13.68 18.24 -15.48
CA GLY A 1079 -13.61 19.05 -14.29
C GLY A 1079 -13.31 18.28 -13.03
N LYS A 1080 -12.84 17.04 -13.17
CA LYS A 1080 -12.76 16.11 -12.06
C LYS A 1080 -11.66 16.45 -11.08
N GLU A 1081 -10.81 17.42 -11.42
CA GLU A 1081 -9.93 18.06 -10.45
C GLU A 1081 -10.71 18.64 -9.29
N CYS A 1082 -11.87 19.24 -9.59
CA CYS A 1082 -12.74 19.75 -8.53
C CYS A 1082 -13.25 18.62 -7.65
N TYR A 1083 -13.49 17.45 -8.23
CA TYR A 1083 -13.82 16.30 -7.42
C TYR A 1083 -12.62 15.75 -6.68
N ARG A 1084 -11.40 16.05 -7.13
CA ARG A 1084 -10.25 15.71 -6.31
C ARG A 1084 -10.16 16.61 -5.09
N VAL A 1085 -10.55 17.89 -5.25
CA VAL A 1085 -10.59 18.80 -4.12
C VAL A 1085 -11.67 18.37 -3.13
N LEU A 1086 -12.85 18.06 -3.66
CA LEU A 1086 -13.97 17.65 -2.83
C LEU A 1086 -13.66 16.34 -2.12
N ASN A 1087 -12.93 15.45 -2.79
CA ASN A 1087 -12.62 14.18 -2.16
C ASN A 1087 -11.53 14.35 -1.12
N GLU A 1088 -10.63 15.32 -1.29
CA GLU A 1088 -9.70 15.65 -0.22
C GLU A 1088 -10.43 16.21 0.99
N LEU A 1089 -11.49 16.98 0.76
CA LEU A 1089 -12.26 17.52 1.88
C LEU A 1089 -13.01 16.41 2.63
N ILE A 1090 -13.73 15.57 1.90
CA ILE A 1090 -14.48 14.48 2.53
C ILE A 1090 -13.53 13.48 3.20
N GLY A 1091 -12.34 13.30 2.64
CA GLY A 1091 -11.33 12.50 3.31
C GLY A 1091 -10.82 13.13 4.60
N ASP A 1092 -10.80 14.47 4.65
CA ASP A 1092 -10.43 15.11 5.91
C ASP A 1092 -11.51 14.92 6.96
N PHE A 1093 -12.79 14.99 6.55
CA PHE A 1093 -13.87 14.64 7.47
C PHE A 1093 -13.81 13.17 7.89
N ASP A 1094 -13.31 12.30 7.00
CA ASP A 1094 -13.09 10.91 7.38
C ASP A 1094 -12.02 10.80 8.46
N GLU A 1095 -10.94 11.59 8.33
CA GLU A 1095 -9.90 11.58 9.34
C GLU A 1095 -10.35 12.20 10.66
N LEU A 1096 -11.44 12.98 10.66
CA LEU A 1096 -11.94 13.53 11.91
C LEU A 1096 -12.51 12.46 12.83
N LEU A 1097 -12.96 11.34 12.30
CA LEU A 1097 -13.69 10.37 13.12
C LEU A 1097 -12.80 9.32 13.75
N SER A 1098 -11.50 9.34 13.47
CA SER A 1098 -10.61 8.30 13.98
C SER A 1098 -10.07 8.62 15.37
N LYS A 1099 -10.60 9.63 16.04
CA LYS A 1099 -10.27 9.82 17.44
C LYS A 1099 -10.94 8.74 18.27
N PRO A 1100 -10.34 8.33 19.39
CA PRO A 1100 -10.96 7.28 20.20
C PRO A 1100 -12.24 7.73 20.88
N ASP A 1101 -12.24 8.92 21.49
CA ASP A 1101 -13.46 9.49 22.02
C ASP A 1101 -14.45 9.88 20.92
N TYR A 1102 -13.97 10.17 19.71
CA TYR A 1102 -14.84 10.40 18.56
C TYR A 1102 -14.95 9.18 17.67
N SER A 1103 -14.66 8.00 18.21
CA SER A 1103 -15.09 6.74 17.61
C SER A 1103 -16.48 6.34 18.10
N SER A 1104 -17.09 7.16 18.95
CA SER A 1104 -18.44 6.95 19.44
C SER A 1104 -19.50 7.53 18.50
N ILE A 1105 -19.11 7.96 17.30
CA ILE A 1105 -20.02 8.53 16.32
C ILE A 1105 -19.98 7.64 15.08
N GLU A 1106 -21.14 7.44 14.46
CA GLU A 1106 -21.26 6.51 13.34
C GLU A 1106 -21.75 7.24 12.10
N LYS A 1107 -20.89 7.33 11.10
CA LYS A 1107 -21.23 7.99 9.85
C LYS A 1107 -22.21 7.11 9.07
N ILE A 1108 -23.25 7.74 8.52
CA ILE A 1108 -24.31 6.95 7.90
C ILE A 1108 -23.96 6.66 6.45
N LYS A 1109 -23.91 7.69 5.61
CA LYS A 1109 -23.43 7.61 4.23
C LYS A 1109 -23.28 9.01 3.69
N THR A 1110 -22.70 9.12 2.51
CA THR A 1110 -22.54 10.37 1.79
C THR A 1110 -23.65 10.54 0.77
N ILE A 1111 -24.15 11.77 0.63
CA ILE A 1111 -25.28 12.08 -0.24
C ILE A 1111 -24.88 13.33 -1.03
N GLY A 1112 -24.33 13.12 -2.23
CA GLY A 1112 -23.91 14.22 -3.07
C GLY A 1112 -22.85 15.09 -2.44
N ALA A 1113 -23.24 16.28 -2.02
CA ALA A 1113 -22.41 17.12 -1.17
C ALA A 1113 -22.99 17.31 0.21
N THR A 1114 -23.92 16.46 0.62
CA THR A 1114 -24.54 16.55 1.94
C THR A 1114 -24.03 15.40 2.79
N TYR A 1115 -23.49 15.73 3.96
CA TYR A 1115 -22.78 14.79 4.80
C TYR A 1115 -23.70 14.33 5.93
N MET A 1116 -23.48 13.12 6.43
CA MET A 1116 -24.49 12.51 7.29
C MET A 1116 -23.90 11.54 8.29
N ALA A 1117 -24.28 11.71 9.55
CA ALA A 1117 -23.80 10.85 10.62
C ALA A 1117 -24.81 10.86 11.76
N ALA A 1118 -24.66 9.91 12.69
CA ALA A 1118 -25.56 9.79 13.82
C ALA A 1118 -24.82 9.12 14.97
N SER A 1119 -25.40 9.21 16.17
CA SER A 1119 -24.86 8.56 17.36
C SER A 1119 -26.02 7.95 18.13
N GLY A 1120 -25.78 7.58 19.38
CA GLY A 1120 -26.81 6.92 20.13
C GLY A 1120 -27.02 5.47 19.74
N LEU A 1121 -26.03 4.88 19.08
CA LEU A 1121 -26.04 3.46 18.75
C LEU A 1121 -24.86 2.70 19.34
N ASN A 1122 -23.76 3.40 19.62
CA ASN A 1122 -22.55 2.71 20.05
C ASN A 1122 -22.62 2.34 21.53
N ALA A 1123 -23.57 2.91 22.26
CA ALA A 1123 -23.76 2.60 23.68
C ALA A 1123 -24.68 1.39 23.83
N THR A 1124 -24.16 0.23 23.42
CA THR A 1124 -24.89 -1.02 23.56
C THR A 1124 -24.68 -1.67 24.93
N GLN A 1125 -24.04 -0.97 25.87
CA GLN A 1125 -23.83 -1.47 27.21
C GLN A 1125 -24.49 -0.53 28.21
N CYS A 1126 -25.13 -1.12 29.22
CA CYS A 1126 -25.63 -0.35 30.36
C CYS A 1126 -24.45 -0.10 31.30
N ARG A 1127 -23.60 0.85 30.90
CA ARG A 1127 -22.40 1.16 31.67
C ARG A 1127 -22.77 1.97 32.91
N ASP A 1128 -21.81 2.08 33.82
CA ASP A 1128 -22.00 2.90 35.01
C ASP A 1128 -21.38 4.29 34.87
N GLY A 1129 -20.75 4.58 33.73
CA GLY A 1129 -20.19 5.90 33.50
C GLY A 1129 -20.59 6.52 32.18
N SER A 1130 -21.82 6.27 31.74
CA SER A 1130 -22.30 6.77 30.45
C SER A 1130 -23.53 7.63 30.67
N HIS A 1131 -23.36 8.93 30.47
CA HIS A 1131 -24.43 9.91 30.61
C HIS A 1131 -25.46 9.72 29.50
N PRO A 1132 -26.76 9.84 29.82
CA PRO A 1132 -27.79 9.54 28.80
C PRO A 1132 -27.86 10.53 27.66
N GLN A 1133 -27.17 11.67 27.77
CA GLN A 1133 -27.15 12.67 26.71
C GLN A 1133 -25.73 13.10 26.35
N GLU A 1134 -24.74 12.25 26.61
CA GLU A 1134 -23.36 12.69 26.42
C GLU A 1134 -22.98 12.71 24.94
N HIS A 1135 -23.43 11.73 24.16
CA HIS A 1135 -23.08 11.65 22.76
C HIS A 1135 -23.72 12.78 21.98
N LEU A 1136 -24.85 13.28 22.49
CA LEU A 1136 -25.47 14.47 21.94
C LEU A 1136 -24.57 15.69 22.11
N GLN A 1137 -24.11 15.91 23.34
CA GLN A 1137 -23.32 17.11 23.65
C GLN A 1137 -21.97 17.07 22.96
N ILE A 1138 -21.29 15.92 23.00
CA ILE A 1138 -19.99 15.82 22.35
C ILE A 1138 -20.16 15.77 20.83
N LEU A 1139 -21.34 15.39 20.35
CA LEU A 1139 -21.58 15.45 18.93
C LEU A 1139 -21.74 16.90 18.49
N PHE A 1140 -22.34 17.72 19.34
CA PHE A 1140 -22.37 19.16 19.09
C PHE A 1140 -20.98 19.76 19.11
N GLU A 1141 -20.16 19.33 20.08
CA GLU A 1141 -18.78 19.78 20.14
C GLU A 1141 -18.03 19.38 18.87
N PHE A 1142 -18.32 18.20 18.34
CA PHE A 1142 -17.74 17.80 17.06
C PHE A 1142 -18.26 18.67 15.93
N ALA A 1143 -19.50 19.14 16.03
CA ALA A 1143 -20.04 20.00 14.98
C ALA A 1143 -19.31 21.34 14.93
N LYS A 1144 -19.02 21.90 16.11
CA LYS A 1144 -18.20 23.11 16.11
C LYS A 1144 -16.78 22.82 15.68
N GLU A 1145 -16.29 21.60 15.99
CA GLU A 1145 -14.96 21.19 15.56
C GLU A 1145 -14.85 21.15 14.05
N MET A 1146 -15.80 20.52 13.37
CA MET A 1146 -15.74 20.42 11.92
C MET A 1146 -16.07 21.76 11.26
N MET A 1147 -16.78 22.65 11.96
CA MET A 1147 -16.80 24.05 11.52
C MET A 1147 -15.40 24.63 11.49
N ARG A 1148 -14.60 24.33 12.52
CA ARG A 1148 -13.24 24.83 12.49
C ARG A 1148 -12.39 24.10 11.45
N VAL A 1149 -12.75 22.86 11.12
CA VAL A 1149 -11.99 22.10 10.13
C VAL A 1149 -12.25 22.64 8.73
N VAL A 1150 -13.49 23.01 8.43
CA VAL A 1150 -13.75 23.59 7.12
C VAL A 1150 -13.21 25.02 7.05
N ASP A 1151 -13.17 25.72 8.20
CA ASP A 1151 -12.43 26.98 8.27
C ASP A 1151 -10.97 26.80 7.91
N ASP A 1152 -10.35 25.74 8.42
CA ASP A 1152 -8.97 25.48 8.09
C ASP A 1152 -8.80 24.96 6.68
N PHE A 1153 -9.85 24.39 6.10
CA PHE A 1153 -9.77 23.96 4.72
C PHE A 1153 -9.79 25.15 3.78
N ASN A 1154 -10.59 26.17 4.09
CA ASN A 1154 -10.50 27.39 3.30
C ASN A 1154 -9.27 28.20 3.67
N ASN A 1155 -8.64 27.94 4.81
CA ASN A 1155 -7.37 28.59 5.10
C ASN A 1155 -6.29 28.10 4.14
N ASN A 1156 -6.32 26.81 3.78
CA ASN A 1156 -5.41 26.32 2.76
C ASN A 1156 -5.82 26.76 1.38
N MET A 1157 -7.12 27.00 1.16
CA MET A 1157 -7.61 27.46 -0.12
C MET A 1157 -7.30 28.94 -0.28
N LEU A 1158 -7.26 29.41 -1.52
CA LEU A 1158 -6.80 30.74 -1.86
C LEU A 1158 -7.92 31.58 -2.46
N TRP A 1159 -8.10 32.79 -1.91
CA TRP A 1159 -9.04 33.80 -2.39
C TRP A 1159 -10.47 33.32 -2.45
N PHE A 1160 -10.84 32.37 -1.59
CA PHE A 1160 -12.12 31.71 -1.81
C PHE A 1160 -12.59 31.13 -0.49
N ASN A 1161 -13.90 30.96 -0.37
CA ASN A 1161 -14.48 30.36 0.82
C ASN A 1161 -15.56 29.37 0.43
N PHE A 1162 -15.69 28.33 1.23
CA PHE A 1162 -16.83 27.41 1.11
C PHE A 1162 -17.74 27.63 2.31
N LYS A 1163 -19.02 27.81 2.04
CA LYS A 1163 -20.00 27.96 3.12
C LYS A 1163 -20.74 26.65 3.34
N LEU A 1164 -21.36 26.54 4.51
CA LEU A 1164 -21.95 25.28 4.95
C LEU A 1164 -22.98 25.58 6.03
N ARG A 1165 -23.88 24.62 6.24
CA ARG A 1165 -24.86 24.75 7.31
C ARG A 1165 -25.21 23.37 7.86
N VAL A 1166 -25.47 23.32 9.16
CA VAL A 1166 -25.67 22.05 9.86
C VAL A 1166 -26.96 22.08 10.67
N GLY A 1167 -27.56 20.90 10.80
CA GLY A 1167 -28.85 20.79 11.48
C GLY A 1167 -28.89 19.58 12.37
N PHE A 1168 -29.58 19.74 13.50
CA PHE A 1168 -29.56 18.78 14.59
C PHE A 1168 -30.97 18.28 14.88
N ASN A 1169 -31.07 17.01 15.31
CA ASN A 1169 -32.26 16.51 15.97
C ASN A 1169 -31.92 15.26 16.77
N HIS A 1170 -32.55 15.12 17.94
CA HIS A 1170 -32.66 13.85 18.63
C HIS A 1170 -34.09 13.35 18.57
N GLY A 1171 -34.26 12.05 18.78
CA GLY A 1171 -35.55 11.42 18.74
C GLY A 1171 -35.47 9.94 18.41
N PRO A 1172 -36.62 9.26 18.35
CA PRO A 1172 -36.61 7.84 18.02
C PRO A 1172 -36.32 7.62 16.55
N LEU A 1173 -35.78 6.44 16.25
CA LEU A 1173 -35.30 6.16 14.90
C LEU A 1173 -35.31 4.66 14.68
N THR A 1174 -34.96 4.26 13.45
CA THR A 1174 -35.10 2.88 13.01
C THR A 1174 -33.81 2.41 12.37
N ALA A 1175 -33.23 1.35 12.93
CA ALA A 1175 -32.04 0.71 12.41
C ALA A 1175 -32.42 -0.45 11.51
N GLY A 1176 -32.01 -0.39 10.25
CA GLY A 1176 -32.42 -1.39 9.30
C GLY A 1176 -31.36 -1.70 8.25
N VAL A 1177 -31.50 -2.88 7.66
CA VAL A 1177 -30.64 -3.33 6.57
C VAL A 1177 -31.56 -3.66 5.41
N ILE A 1178 -31.12 -3.33 4.19
CA ILE A 1178 -31.98 -3.43 3.02
C ILE A 1178 -31.63 -4.57 2.09
N GLY A 1179 -30.40 -4.55 1.56
CA GLY A 1179 -30.10 -5.22 0.32
C GLY A 1179 -30.06 -6.73 0.40
N THR A 1180 -29.92 -7.35 -0.77
CA THR A 1180 -29.70 -8.78 -0.92
C THR A 1180 -28.59 -9.01 -1.96
N THR A 1181 -27.39 -9.30 -1.45
CA THR A 1181 -26.07 -9.48 -2.09
C THR A 1181 -25.54 -8.13 -2.59
N LYS A 1182 -26.34 -7.07 -2.49
CA LYS A 1182 -25.91 -5.68 -2.71
C LYS A 1182 -26.60 -4.85 -1.65
N LEU A 1183 -25.90 -4.57 -0.56
CA LEU A 1183 -26.55 -4.13 0.67
C LEU A 1183 -26.16 -2.70 1.00
N LEU A 1184 -26.75 -2.23 2.11
CA LEU A 1184 -26.62 -0.87 2.60
C LEU A 1184 -27.20 -0.83 4.01
N TYR A 1185 -26.49 -0.26 4.97
CA TYR A 1185 -27.12 -0.04 6.26
C TYR A 1185 -27.81 1.31 6.26
N ASP A 1186 -29.02 1.36 6.81
CA ASP A 1186 -29.79 2.59 6.71
C ASP A 1186 -30.62 2.79 7.97
N ILE A 1187 -31.00 4.04 8.19
CA ILE A 1187 -31.85 4.46 9.29
C ILE A 1187 -33.10 5.13 8.71
N TRP A 1188 -34.15 5.16 9.51
CA TRP A 1188 -35.36 5.88 9.11
C TRP A 1188 -36.00 6.49 10.35
N GLY A 1189 -37.10 7.19 10.11
CA GLY A 1189 -37.87 7.78 11.18
C GLY A 1189 -38.45 9.11 10.80
N ASP A 1190 -39.28 9.69 11.67
CA ASP A 1190 -39.70 11.06 11.46
C ASP A 1190 -38.61 12.03 11.87
N THR A 1191 -37.75 11.61 12.80
CA THR A 1191 -36.72 12.48 13.35
C THR A 1191 -35.74 12.93 12.29
N VAL A 1192 -35.34 12.01 11.42
CA VAL A 1192 -34.40 12.34 10.34
C VAL A 1192 -35.07 13.21 9.30
N ASN A 1193 -36.40 13.12 9.20
CA ASN A 1193 -37.12 14.06 8.34
C ASN A 1193 -37.15 15.44 8.98
N ILE A 1194 -37.18 15.50 10.31
CA ILE A 1194 -37.19 16.79 10.98
C ILE A 1194 -35.86 17.50 10.80
N ALA A 1195 -34.76 16.80 11.08
CA ALA A 1195 -33.45 17.40 10.86
C ALA A 1195 -33.17 17.61 9.38
N SER A 1196 -33.79 16.78 8.53
CA SER A 1196 -33.66 16.94 7.10
C SER A 1196 -34.28 18.24 6.62
N ARG A 1197 -35.53 18.49 6.99
CA ARG A 1197 -36.21 19.72 6.57
C ARG A 1197 -35.61 20.93 7.29
N MET A 1198 -35.05 20.72 8.49
CA MET A 1198 -34.28 21.75 9.17
C MET A 1198 -33.10 22.19 8.34
N ASP A 1199 -32.14 21.29 8.11
CA ASP A 1199 -30.92 21.73 7.47
C ASP A 1199 -31.09 21.97 5.98
N THR A 1200 -32.22 21.54 5.41
CA THR A 1200 -32.51 21.92 4.04
C THR A 1200 -32.79 23.42 3.94
N THR A 1201 -33.44 23.98 4.96
CA THR A 1201 -33.83 25.39 4.98
C THR A 1201 -32.92 26.24 5.86
N GLY A 1202 -31.78 25.70 6.28
CA GLY A 1202 -30.96 26.36 7.28
C GLY A 1202 -30.01 27.38 6.68
N VAL A 1203 -29.85 28.49 7.41
CA VAL A 1203 -28.92 29.54 7.01
C VAL A 1203 -27.49 29.08 7.27
N GLU A 1204 -26.57 29.57 6.46
CA GLU A 1204 -25.22 29.02 6.42
C GLU A 1204 -24.41 29.45 7.63
N CYS A 1205 -23.29 28.73 7.83
CA CYS A 1205 -22.25 28.98 8.83
C CYS A 1205 -22.79 28.97 10.26
N ARG A 1206 -23.96 28.36 10.49
CA ARG A 1206 -24.61 28.39 11.78
C ARG A 1206 -25.04 26.98 12.14
N ILE A 1207 -25.54 26.84 13.36
CA ILE A 1207 -25.91 25.55 13.92
C ILE A 1207 -27.40 25.54 14.22
N GLN A 1208 -28.12 24.59 13.62
CA GLN A 1208 -29.58 24.62 13.60
C GLN A 1208 -30.13 23.65 14.62
N VAL A 1209 -30.94 24.18 15.55
CA VAL A 1209 -31.31 23.52 16.80
C VAL A 1209 -32.82 23.36 16.85
N SER A 1210 -33.28 22.20 17.31
CA SER A 1210 -34.72 22.02 17.53
C SER A 1210 -35.09 22.49 18.93
N GLU A 1211 -36.40 22.73 19.11
CA GLU A 1211 -36.92 23.30 20.35
C GLU A 1211 -36.72 22.35 21.52
N GLU A 1212 -36.78 21.05 21.27
CA GLU A 1212 -36.47 20.08 22.30
C GLU A 1212 -34.97 19.96 22.51
N SER A 1213 -34.19 20.13 21.44
CA SER A 1213 -32.74 20.24 21.60
C SER A 1213 -32.40 21.54 22.30
N TYR A 1214 -33.19 22.57 22.05
CA TYR A 1214 -33.15 23.77 22.86
C TYR A 1214 -33.55 23.49 24.31
N ARG A 1215 -34.39 22.48 24.55
CA ARG A 1215 -34.76 22.17 25.92
C ARG A 1215 -33.68 21.40 26.65
N VAL A 1216 -32.82 20.67 25.93
CA VAL A 1216 -31.85 19.86 26.64
C VAL A 1216 -30.47 20.52 26.69
N LEU A 1217 -30.02 21.20 25.61
CA LEU A 1217 -28.62 21.62 25.54
C LEU A 1217 -28.30 22.79 26.47
N SER A 1218 -29.29 23.59 26.86
CA SER A 1218 -29.04 24.66 27.81
C SER A 1218 -28.69 24.10 29.18
N LYS A 1219 -29.32 23.00 29.56
CA LYS A 1219 -28.99 22.34 30.81
C LYS A 1219 -27.82 21.39 30.68
N MET A 1220 -27.24 21.28 29.49
CA MET A 1220 -25.85 20.86 29.36
C MET A 1220 -24.93 22.04 29.12
N GLY A 1221 -25.42 23.25 29.34
CA GLY A 1221 -24.57 24.42 29.39
C GLY A 1221 -24.25 25.04 28.04
N TYR A 1222 -25.28 25.45 27.29
CA TYR A 1222 -25.06 26.03 25.97
C TYR A 1222 -26.04 27.16 25.73
N GLU A 1223 -25.55 28.23 25.11
CA GLU A 1223 -26.31 29.45 24.90
C GLU A 1223 -26.87 29.47 23.49
N PHE A 1224 -28.12 29.94 23.37
CA PHE A 1224 -28.83 29.93 22.11
C PHE A 1224 -29.64 31.21 22.00
N ASP A 1225 -30.23 31.42 20.84
CA ASP A 1225 -31.17 32.51 20.68
C ASP A 1225 -32.32 32.07 19.79
N TYR A 1226 -33.50 32.62 20.08
CA TYR A 1226 -34.73 32.29 19.40
C TYR A 1226 -34.72 32.90 18.01
N ARG A 1227 -34.83 32.07 16.99
CA ARG A 1227 -34.86 32.59 15.62
C ARG A 1227 -36.29 32.84 15.16
N GLY A 1228 -37.19 31.92 15.47
CA GLY A 1228 -38.57 32.06 15.02
C GLY A 1228 -39.27 30.73 15.10
N THR A 1229 -40.28 30.57 14.24
CA THR A 1229 -41.06 29.35 14.19
C THR A 1229 -41.35 29.08 12.72
N VAL A 1230 -40.47 28.30 12.10
CA VAL A 1230 -40.48 28.09 10.65
C VAL A 1230 -41.42 26.93 10.33
N ASN A 1231 -42.15 27.07 9.22
CA ASN A 1231 -43.10 26.06 8.76
C ASN A 1231 -42.41 24.75 8.45
N VAL A 1232 -42.89 23.68 9.08
CA VAL A 1232 -42.40 22.33 8.86
C VAL A 1232 -43.57 21.48 8.38
N LYS A 1233 -43.43 20.90 7.20
CA LYS A 1233 -44.37 19.92 6.67
C LYS A 1233 -44.49 18.75 7.62
N GLY A 1234 -45.73 18.38 7.94
CA GLY A 1234 -45.96 17.30 8.87
C GLY A 1234 -46.10 17.81 10.29
N LYS A 1235 -45.45 18.93 10.60
CA LYS A 1235 -45.54 19.53 11.92
C LYS A 1235 -46.29 20.85 11.93
N GLY A 1236 -46.65 21.38 10.77
CA GLY A 1236 -47.24 22.70 10.72
C GLY A 1236 -46.20 23.73 11.06
N GLN A 1237 -46.27 24.29 12.25
CA GLN A 1237 -45.23 25.16 12.77
C GLN A 1237 -44.28 24.38 13.68
N MET A 1238 -43.02 24.80 13.68
CA MET A 1238 -42.03 24.25 14.60
C MET A 1238 -41.06 25.36 14.97
N LYS A 1239 -40.76 25.45 16.26
CA LYS A 1239 -40.18 26.64 16.88
C LYS A 1239 -38.65 26.55 16.85
N THR A 1240 -38.02 27.52 16.22
CA THR A 1240 -36.63 27.41 15.78
C THR A 1240 -35.70 28.20 16.67
N TYR A 1241 -34.56 27.60 16.98
CA TYR A 1241 -33.53 28.19 17.80
C TYR A 1241 -32.19 27.98 17.13
N LEU A 1242 -31.27 28.91 17.34
CA LEU A 1242 -29.97 28.82 16.71
C LEU A 1242 -28.88 29.00 17.76
N TYR A 1243 -27.73 28.39 17.49
CA TYR A 1243 -26.58 28.48 18.39
C TYR A 1243 -25.70 29.71 18.25
N PRO A 1244 -25.27 30.17 17.06
CA PRO A 1244 -24.40 31.34 17.04
C PRO A 1244 -25.15 32.62 17.43
N LYS A 1245 -24.42 33.54 18.04
CA LYS A 1245 -25.03 34.64 18.76
C LYS A 1245 -24.61 36.00 18.19
N LYS B 28 -2.74 -5.08 -24.05
CA LYS B 28 -2.95 -4.23 -22.88
C LYS B 28 -2.69 -2.76 -23.19
N GLN B 29 -1.41 -2.42 -23.33
CA GLN B 29 -0.87 -1.10 -23.66
C GLN B 29 -1.25 -0.06 -22.61
N LEU B 30 -1.44 -0.46 -21.35
CA LEU B 30 -1.56 0.54 -20.30
C LEU B 30 -0.19 0.96 -19.77
N GLN B 31 0.80 0.08 -19.85
CA GLN B 31 2.09 0.34 -19.22
C GLN B 31 2.97 1.24 -20.08
N LYS B 32 2.94 1.07 -21.40
CA LYS B 32 3.74 1.91 -22.27
C LYS B 32 3.12 3.31 -22.38
N ASP B 33 1.79 3.38 -22.44
CA ASP B 33 1.12 4.67 -22.47
C ASP B 33 1.23 5.37 -21.12
N LYS B 34 1.23 4.60 -20.03
CA LYS B 34 1.39 5.22 -18.73
C LYS B 34 2.85 5.61 -18.48
N GLN B 35 3.78 4.93 -19.16
CA GLN B 35 5.19 5.29 -19.02
C GLN B 35 5.55 6.50 -19.86
N VAL B 36 4.97 6.62 -21.07
CA VAL B 36 5.13 7.86 -21.80
C VAL B 36 4.32 8.97 -21.13
N TYR B 37 3.31 8.60 -20.34
CA TYR B 37 2.67 9.57 -19.46
C TYR B 37 3.62 10.03 -18.36
N ARG B 38 4.49 9.14 -17.89
CA ARG B 38 5.52 9.56 -16.94
C ARG B 38 6.56 10.45 -17.60
N ALA B 39 6.91 10.15 -18.85
CA ALA B 39 8.12 10.70 -19.45
C ALA B 39 7.96 12.11 -20.00
N THR B 40 6.78 12.71 -19.91
CA THR B 40 6.56 14.02 -20.51
C THR B 40 7.10 15.13 -19.61
N HIS B 41 6.83 16.38 -19.98
CA HIS B 41 7.24 17.55 -19.22
C HIS B 41 6.06 18.52 -19.19
N ARG B 42 5.25 18.44 -18.15
CA ARG B 42 4.15 19.35 -17.96
C ARG B 42 4.64 20.56 -17.19
N LEU B 43 4.26 21.76 -17.64
CA LEU B 43 4.68 22.97 -16.96
C LEU B 43 3.45 23.79 -16.56
N LEU B 44 3.25 23.93 -15.25
CA LEU B 44 2.32 24.90 -14.70
C LEU B 44 2.95 26.27 -14.71
N LEU B 45 2.21 27.26 -15.19
CA LEU B 45 2.71 28.64 -15.27
C LEU B 45 1.75 29.55 -14.53
N LEU B 46 1.91 29.64 -13.22
CA LEU B 46 1.15 30.61 -12.46
C LEU B 46 1.79 31.99 -12.58
N GLY B 47 1.17 32.97 -11.96
CA GLY B 47 1.74 34.30 -11.90
C GLY B 47 0.65 35.33 -11.83
N ALA B 48 1.05 36.55 -11.47
CA ALA B 48 0.13 37.64 -11.25
C ALA B 48 -0.47 38.12 -12.58
N GLY B 49 -1.39 39.07 -12.47
CA GLY B 49 -2.25 39.42 -13.59
C GLY B 49 -1.53 40.17 -14.68
N GLU B 50 -1.72 39.71 -15.92
CA GLU B 50 -1.25 40.37 -17.15
C GLU B 50 0.27 40.50 -17.16
N SER B 51 0.96 39.49 -16.62
CA SER B 51 2.40 39.59 -16.43
C SER B 51 3.19 39.39 -17.71
N GLY B 52 2.80 38.43 -18.54
CA GLY B 52 3.65 38.05 -19.65
C GLY B 52 3.75 36.56 -19.82
N LYS B 53 2.88 35.81 -19.13
CA LYS B 53 2.86 34.36 -19.26
C LYS B 53 2.46 33.94 -20.67
N SER B 54 1.43 34.59 -21.21
CA SER B 54 1.00 34.33 -22.57
C SER B 54 2.08 34.74 -23.57
N THR B 55 2.87 35.76 -23.23
CA THR B 55 4.00 36.16 -24.07
C THR B 55 5.07 35.07 -24.08
N ILE B 56 5.28 34.40 -22.95
CA ILE B 56 6.24 33.30 -22.88
C ILE B 56 5.77 32.12 -23.72
N VAL B 57 4.47 31.82 -23.69
CA VAL B 57 3.94 30.74 -24.51
C VAL B 57 4.07 31.10 -26.00
N LYS B 58 3.87 32.38 -26.34
CA LYS B 58 4.12 32.84 -27.71
C LYS B 58 5.58 32.68 -28.08
N GLN B 59 6.47 32.90 -27.12
CA GLN B 59 7.90 32.72 -27.37
C GLN B 59 8.21 31.26 -27.63
N MET B 60 7.50 30.36 -26.95
CA MET B 60 7.70 28.93 -27.19
C MET B 60 7.24 28.55 -28.58
N ARG B 61 6.11 29.11 -29.03
CA ARG B 61 5.67 28.74 -30.37
C ARG B 61 6.40 29.51 -31.47
N ILE B 62 7.18 30.52 -31.14
CA ILE B 62 8.11 31.05 -32.13
C ILE B 62 9.37 30.21 -32.18
N LEU B 63 9.83 29.73 -31.02
CA LEU B 63 11.08 28.97 -30.99
C LEU B 63 10.92 27.57 -31.54
N HIS B 64 10.07 26.75 -30.92
CA HIS B 64 10.13 25.32 -31.13
C HIS B 64 8.86 24.75 -31.74
N VAL B 65 8.16 25.53 -32.56
CA VAL B 65 7.00 25.05 -33.27
C VAL B 65 7.15 25.35 -34.76
N LYS B 89 -5.45 33.57 -37.71
CA LYS B 89 -4.53 34.16 -38.68
C LYS B 89 -5.04 35.50 -39.17
N ALA B 90 -6.16 35.95 -38.59
CA ALA B 90 -6.73 37.25 -38.94
C ALA B 90 -7.18 38.06 -37.73
N THR B 91 -7.22 37.47 -36.54
CA THR B 91 -7.66 38.18 -35.34
C THR B 91 -6.62 39.18 -34.84
N LYS B 92 -5.40 39.13 -35.38
CA LYS B 92 -4.31 39.95 -34.87
C LYS B 92 -4.55 41.42 -35.16
N VAL B 93 -5.05 41.72 -36.36
CA VAL B 93 -5.45 43.07 -36.72
C VAL B 93 -6.52 43.58 -35.77
N GLN B 94 -7.50 42.72 -35.46
CA GLN B 94 -8.60 43.08 -34.58
C GLN B 94 -8.13 43.44 -33.19
N ASP B 95 -7.51 42.49 -32.49
CA ASP B 95 -7.19 42.74 -31.09
C ASP B 95 -6.03 43.71 -30.90
N ILE B 96 -5.15 43.84 -31.90
CA ILE B 96 -4.14 44.89 -31.83
C ILE B 96 -4.79 46.27 -31.98
N LYS B 97 -5.74 46.39 -32.90
CA LYS B 97 -6.39 47.68 -33.06
C LYS B 97 -7.38 47.97 -31.93
N ASN B 98 -7.78 46.94 -31.17
CA ASN B 98 -8.58 47.20 -29.98
C ASN B 98 -7.70 47.54 -28.78
N ASN B 99 -6.47 47.03 -28.77
CA ASN B 99 -5.46 47.57 -27.87
C ASN B 99 -5.27 49.05 -28.14
N LEU B 100 -5.23 49.41 -29.42
CA LEU B 100 -5.15 50.81 -29.83
C LEU B 100 -6.32 51.62 -29.31
N LYS B 101 -7.54 51.16 -29.60
CA LYS B 101 -8.73 51.93 -29.25
C LYS B 101 -8.89 52.07 -27.75
N GLU B 102 -8.81 50.96 -27.01
CA GLU B 102 -8.98 50.99 -25.56
C GLU B 102 -7.86 51.79 -24.91
N ALA B 103 -6.66 51.72 -25.49
CA ALA B 103 -5.55 52.55 -25.04
C ALA B 103 -5.88 54.03 -25.16
N ILE B 104 -6.10 54.51 -26.39
CA ILE B 104 -6.20 55.94 -26.65
C ILE B 104 -7.43 56.54 -25.97
N GLU B 105 -8.52 55.76 -25.85
CA GLU B 105 -9.65 56.32 -25.13
C GLU B 105 -9.46 56.22 -23.62
N THR B 106 -8.61 55.31 -23.16
CA THR B 106 -8.32 55.27 -21.73
C THR B 106 -7.46 56.46 -21.32
N ILE B 107 -6.48 56.84 -22.15
CA ILE B 107 -5.72 58.05 -21.85
C ILE B 107 -6.59 59.29 -21.99
N VAL B 108 -7.25 59.45 -23.14
CA VAL B 108 -7.96 60.68 -23.47
C VAL B 108 -9.15 60.90 -22.53
N ALA B 109 -9.83 59.82 -22.15
CA ALA B 109 -10.79 59.91 -21.07
C ALA B 109 -10.11 60.21 -19.75
N ALA B 110 -8.96 59.57 -19.51
CA ALA B 110 -8.29 59.65 -18.22
C ALA B 110 -7.56 60.96 -17.99
N MET B 111 -7.58 61.90 -18.94
CA MET B 111 -6.88 63.17 -18.76
C MET B 111 -7.55 64.01 -17.68
N SER B 112 -8.87 64.20 -17.79
CA SER B 112 -9.59 64.98 -16.81
C SER B 112 -9.77 64.25 -15.49
N ASN B 113 -9.54 62.94 -15.47
CA ASN B 113 -9.66 62.17 -14.24
C ASN B 113 -8.47 62.38 -13.31
N LEU B 114 -7.41 63.03 -13.78
CA LEU B 114 -6.23 63.25 -12.96
C LEU B 114 -6.41 64.55 -12.20
N VAL B 115 -6.54 64.44 -10.89
CA VAL B 115 -6.74 65.61 -10.03
C VAL B 115 -5.52 66.52 -9.98
N PRO B 116 -4.28 66.11 -10.29
CA PRO B 116 -3.35 67.11 -10.86
C PRO B 116 -3.76 67.42 -12.28
N PRO B 117 -4.13 68.68 -12.57
CA PRO B 117 -4.88 68.98 -13.81
C PRO B 117 -4.04 68.82 -15.06
N VAL B 118 -4.27 67.72 -15.76
CA VAL B 118 -3.57 67.43 -17.01
C VAL B 118 -4.52 67.82 -18.13
N GLU B 119 -4.33 69.01 -18.67
CA GLU B 119 -5.06 69.46 -19.84
C GLU B 119 -4.20 69.33 -21.09
N LEU B 120 -4.83 69.53 -22.23
CA LEU B 120 -4.13 69.39 -23.50
C LEU B 120 -3.21 70.59 -23.73
N ALA B 121 -1.97 70.30 -24.09
CA ALA B 121 -1.08 71.35 -24.58
C ALA B 121 -1.49 71.83 -25.97
N ASN B 122 -2.30 71.04 -26.68
CA ASN B 122 -2.86 71.41 -27.98
C ASN B 122 -4.38 71.23 -27.90
N PRO B 123 -5.11 72.19 -27.33
CA PRO B 123 -6.56 72.03 -27.19
C PRO B 123 -7.36 72.29 -28.46
N GLU B 124 -6.68 72.53 -29.58
CA GLU B 124 -7.31 72.88 -30.85
C GLU B 124 -7.91 71.67 -31.56
N ASN B 125 -7.64 70.46 -31.06
CA ASN B 125 -8.21 69.23 -31.59
C ASN B 125 -9.35 68.75 -30.72
N GLN B 126 -10.18 69.68 -30.25
CA GLN B 126 -11.30 69.34 -29.38
C GLN B 126 -12.36 68.51 -30.12
N PHE B 127 -12.44 68.65 -31.45
CA PHE B 127 -13.31 67.75 -32.21
C PHE B 127 -12.75 66.33 -32.26
N ARG B 128 -11.43 66.19 -32.10
CA ARG B 128 -10.85 64.86 -31.98
C ARG B 128 -11.03 64.34 -30.56
N VAL B 129 -11.00 65.24 -29.58
CA VAL B 129 -11.30 64.89 -28.19
C VAL B 129 -12.73 64.37 -28.07
N ASP B 130 -13.67 65.12 -28.63
CA ASP B 130 -15.07 64.72 -28.63
C ASP B 130 -15.32 63.55 -29.56
N TYR B 131 -14.43 63.36 -30.54
CA TYR B 131 -14.48 62.14 -31.35
C TYR B 131 -14.19 60.92 -30.50
N ILE B 132 -13.13 61.01 -29.68
CA ILE B 132 -12.78 59.88 -28.83
C ILE B 132 -13.80 59.71 -27.72
N LEU B 133 -14.40 60.81 -27.25
CA LEU B 133 -15.52 60.70 -26.33
C LEU B 133 -16.78 60.15 -27.00
N SER B 134 -16.87 60.24 -28.33
CA SER B 134 -18.03 59.72 -29.03
C SER B 134 -17.94 58.22 -29.23
N VAL B 135 -16.75 57.72 -29.56
CA VAL B 135 -16.55 56.30 -29.79
C VAL B 135 -16.05 55.65 -28.49
N MET B 136 -16.27 56.34 -27.36
CA MET B 136 -15.72 55.92 -26.08
C MET B 136 -16.29 54.56 -25.64
N ASN B 137 -17.59 54.37 -25.77
CA ASN B 137 -18.23 53.12 -25.40
C ASN B 137 -19.01 52.60 -26.60
N VAL B 138 -18.30 51.89 -27.48
CA VAL B 138 -18.91 51.17 -28.58
C VAL B 138 -18.02 49.97 -28.92
N PRO B 139 -18.59 48.76 -28.99
CA PRO B 139 -17.75 47.59 -29.28
C PRO B 139 -17.38 47.46 -30.75
N ASP B 140 -18.00 48.25 -31.62
CA ASP B 140 -17.86 48.09 -33.06
C ASP B 140 -17.23 49.34 -33.66
N PHE B 141 -16.17 49.16 -34.45
CA PHE B 141 -15.53 50.28 -35.11
C PHE B 141 -14.83 49.76 -36.35
N ASP B 142 -14.79 50.59 -37.39
CA ASP B 142 -14.34 50.17 -38.71
C ASP B 142 -12.94 50.64 -39.08
N PHE B 143 -12.34 51.50 -38.26
CA PHE B 143 -11.01 52.11 -38.42
C PHE B 143 -10.81 52.81 -39.76
N PRO B 144 -11.41 53.98 -39.96
CA PRO B 144 -11.14 54.75 -41.16
C PRO B 144 -9.78 55.43 -41.06
N PRO B 145 -9.26 55.96 -42.17
CA PRO B 145 -8.04 56.78 -42.08
C PRO B 145 -8.24 58.06 -41.28
N GLU B 146 -9.48 58.55 -41.20
CA GLU B 146 -9.77 59.71 -40.37
C GLU B 146 -9.53 59.41 -38.89
N PHE B 147 -9.86 58.19 -38.45
CA PHE B 147 -9.51 57.78 -37.09
C PHE B 147 -8.01 57.75 -36.86
N TYR B 148 -7.25 57.33 -37.87
CA TYR B 148 -5.80 57.41 -37.79
C TYR B 148 -5.33 58.85 -37.70
N GLU B 149 -6.08 59.78 -38.30
CA GLU B 149 -5.79 61.19 -38.11
C GLU B 149 -6.15 61.64 -36.70
N HIS B 150 -7.16 61.01 -36.09
CA HIS B 150 -7.54 61.36 -34.71
C HIS B 150 -6.47 60.93 -33.72
N ALA B 151 -6.10 59.65 -33.72
CA ALA B 151 -5.08 59.18 -32.78
C ALA B 151 -3.69 59.69 -33.16
N LYS B 152 -3.48 59.95 -34.45
CA LYS B 152 -2.27 60.60 -34.92
C LYS B 152 -2.12 61.98 -34.30
N ALA B 153 -3.13 62.84 -34.48
CA ALA B 153 -3.04 64.21 -34.00
C ALA B 153 -3.14 64.30 -32.48
N LEU B 154 -3.77 63.32 -31.83
CA LEU B 154 -3.63 63.21 -30.38
C LEU B 154 -2.20 62.89 -30.01
N TRP B 155 -1.57 61.98 -30.75
CA TRP B 155 -0.18 61.61 -30.49
C TRP B 155 0.80 62.72 -30.86
N GLU B 156 0.35 63.75 -31.58
CA GLU B 156 1.14 64.96 -31.74
C GLU B 156 1.14 65.84 -30.51
N ASP B 157 0.24 65.60 -29.56
CA ASP B 157 0.12 66.45 -28.39
C ASP B 157 0.97 65.91 -27.25
N GLU B 158 1.43 66.81 -26.39
CA GLU B 158 2.38 66.48 -25.33
C GLU B 158 1.72 66.04 -24.02
N GLY B 159 0.44 66.36 -23.81
CA GLY B 159 -0.27 65.77 -22.68
C GLY B 159 -0.42 64.27 -22.82
N VAL B 160 -0.45 63.78 -24.06
CA VAL B 160 -0.42 62.36 -24.34
C VAL B 160 0.93 61.76 -23.94
N ARG B 161 2.00 62.51 -24.16
CA ARG B 161 3.33 61.95 -23.94
C ARG B 161 3.71 61.98 -22.47
N ALA B 162 3.50 63.12 -21.81
CA ALA B 162 3.71 63.18 -20.37
C ALA B 162 2.68 62.37 -19.62
N CYS B 163 1.48 62.22 -20.19
CA CYS B 163 0.53 61.26 -19.65
C CYS B 163 1.03 59.84 -19.83
N TYR B 164 1.78 59.57 -20.89
CA TYR B 164 2.38 58.26 -21.05
C TYR B 164 3.52 58.09 -20.07
N GLU B 165 4.13 59.19 -19.65
CA GLU B 165 5.04 59.17 -18.53
C GLU B 165 4.30 59.00 -17.22
N ARG B 166 2.99 59.26 -17.19
CA ARG B 166 2.24 59.25 -15.94
C ARG B 166 0.99 58.39 -15.99
N SER B 167 0.90 57.44 -16.94
CA SER B 167 -0.26 56.58 -17.00
C SER B 167 -0.23 55.47 -15.96
N ASN B 168 0.91 55.27 -15.30
CA ASN B 168 0.99 54.34 -14.18
C ASN B 168 0.18 54.80 -12.97
N GLU B 169 -0.23 56.07 -12.93
CA GLU B 169 -1.08 56.64 -11.92
C GLU B 169 -2.50 56.09 -11.95
N TYR B 170 -2.86 55.33 -12.98
CA TYR B 170 -4.16 54.71 -13.13
C TYR B 170 -3.97 53.43 -13.94
N GLN B 171 -5.08 52.85 -14.38
CA GLN B 171 -5.02 51.60 -15.13
C GLN B 171 -4.93 51.88 -16.62
N LEU B 172 -3.85 51.41 -17.23
CA LEU B 172 -3.57 51.61 -18.64
C LEU B 172 -2.51 50.60 -19.03
N ILE B 173 -2.42 50.30 -20.32
CA ILE B 173 -1.50 49.28 -20.78
C ILE B 173 -0.06 49.78 -20.68
N ASP B 174 0.88 48.85 -20.86
CA ASP B 174 2.30 49.18 -20.72
C ASP B 174 3.09 48.88 -21.98
N CYS B 175 2.42 48.83 -23.13
CA CYS B 175 3.10 48.55 -24.39
C CYS B 175 2.57 49.42 -25.51
N ALA B 176 2.19 50.66 -25.19
CA ALA B 176 1.58 51.52 -26.19
C ALA B 176 2.59 52.38 -26.93
N GLN B 177 3.79 52.55 -26.37
CA GLN B 177 4.83 53.31 -27.07
C GLN B 177 5.26 52.60 -28.35
N TYR B 178 5.26 51.27 -28.31
CA TYR B 178 5.25 50.46 -29.53
C TYR B 178 4.09 50.88 -30.42
N PHE B 179 2.90 50.93 -29.82
CA PHE B 179 1.65 50.86 -30.58
C PHE B 179 1.40 52.12 -31.39
N LEU B 180 1.56 53.30 -30.79
CA LEU B 180 1.24 54.53 -31.50
C LEU B 180 2.23 54.81 -32.62
N ASP B 181 3.46 54.31 -32.47
CA ASP B 181 4.41 54.40 -33.57
C ASP B 181 4.02 53.46 -34.69
N LYS B 182 3.57 52.25 -34.34
CA LYS B 182 3.15 51.32 -35.36
C LYS B 182 1.89 51.81 -36.08
N ILE B 183 0.93 52.35 -35.33
CA ILE B 183 -0.29 52.91 -35.92
C ILE B 183 0.04 54.13 -36.76
N ASP B 184 1.10 54.86 -36.42
CA ASP B 184 1.63 55.87 -37.33
C ASP B 184 2.16 55.22 -38.61
N VAL B 185 2.62 53.97 -38.54
CA VAL B 185 3.05 53.29 -39.76
C VAL B 185 1.93 52.45 -40.42
N ILE B 186 1.01 51.87 -39.64
CA ILE B 186 0.22 50.74 -40.16
C ILE B 186 -1.25 51.16 -40.37
N LYS B 187 -1.45 52.39 -40.86
CA LYS B 187 -2.76 52.83 -41.35
C LYS B 187 -3.35 51.87 -42.37
N GLN B 188 -2.52 51.36 -43.27
CA GLN B 188 -2.83 50.15 -44.01
C GLN B 188 -1.93 49.03 -43.49
N ASP B 189 -2.39 47.79 -43.58
CA ASP B 189 -1.57 46.68 -43.13
C ASP B 189 -1.32 45.64 -44.23
N ASP B 190 -1.08 46.08 -45.47
CA ASP B 190 -0.72 45.19 -46.57
C ASP B 190 0.55 44.38 -46.29
N TYR B 191 1.55 44.99 -45.64
CA TYR B 191 2.62 44.24 -45.03
C TYR B 191 2.07 43.58 -43.77
N VAL B 192 2.16 42.26 -43.71
CA VAL B 192 1.68 41.52 -42.54
C VAL B 192 2.57 41.87 -41.34
N PRO B 193 2.00 42.13 -40.18
CA PRO B 193 2.82 42.50 -39.02
C PRO B 193 3.70 41.36 -38.54
N SER B 194 4.80 41.75 -37.89
CA SER B 194 5.91 40.86 -37.61
C SER B 194 5.71 39.97 -36.40
N ASP B 195 6.80 39.35 -35.95
CA ASP B 195 6.83 38.49 -34.78
C ASP B 195 6.93 39.29 -33.49
N GLN B 196 7.68 40.40 -33.51
CA GLN B 196 7.63 41.36 -32.42
C GLN B 196 6.22 41.92 -32.30
N ASP B 197 5.56 42.15 -33.43
CA ASP B 197 4.15 42.53 -33.45
C ASP B 197 3.28 41.46 -32.82
N LEU B 198 3.65 40.19 -32.97
CA LEU B 198 2.92 39.14 -32.27
C LEU B 198 3.19 39.18 -30.78
N LEU B 199 4.41 39.51 -30.38
CA LEU B 199 4.75 39.49 -28.97
C LEU B 199 4.23 40.70 -28.21
N ARG B 200 3.92 41.79 -28.89
CA ARG B 200 3.33 42.93 -28.19
C ARG B 200 1.82 42.84 -28.07
N CYS B 201 1.20 41.86 -28.72
CA CYS B 201 -0.25 41.77 -28.83
C CYS B 201 -0.88 41.44 -27.48
N ARG B 202 -1.48 42.43 -26.84
CA ARG B 202 -2.13 42.18 -25.56
C ARG B 202 -3.42 41.42 -25.81
N VAL B 203 -3.62 40.34 -25.04
CA VAL B 203 -4.82 39.52 -25.04
C VAL B 203 -5.10 39.16 -23.59
N LEU B 204 -6.34 39.39 -23.13
CA LEU B 204 -6.69 38.94 -21.79
C LEU B 204 -6.73 37.42 -21.75
N THR B 205 -6.17 36.86 -20.68
CA THR B 205 -5.96 35.42 -20.58
C THR B 205 -6.80 34.87 -19.43
N SER B 206 -7.68 33.93 -19.75
CA SER B 206 -8.41 33.19 -18.75
C SER B 206 -8.83 31.86 -19.37
N GLY B 207 -9.03 30.87 -18.53
CA GLY B 207 -9.29 29.55 -19.10
C GLY B 207 -8.01 28.81 -19.44
N ILE B 208 -8.08 27.50 -19.30
CA ILE B 208 -6.90 26.66 -19.39
C ILE B 208 -6.55 26.42 -20.86
N PHE B 209 -5.39 26.92 -21.27
CA PHE B 209 -4.86 26.67 -22.61
C PHE B 209 -3.60 25.84 -22.49
N GLU B 210 -3.44 24.87 -23.40
CA GLU B 210 -2.41 23.85 -23.30
C GLU B 210 -1.52 23.91 -24.53
N THR B 211 -0.29 23.43 -24.39
CA THR B 211 0.60 23.32 -25.54
C THR B 211 1.44 22.05 -25.40
N LYS B 212 1.61 21.32 -26.50
CA LYS B 212 2.46 20.13 -26.55
C LYS B 212 3.46 20.28 -27.69
N PHE B 213 4.58 20.95 -27.42
CA PHE B 213 5.65 21.03 -28.40
C PHE B 213 6.86 20.28 -27.89
N GLN B 214 7.79 19.95 -28.78
CA GLN B 214 8.90 19.08 -28.44
C GLN B 214 10.21 19.82 -28.66
N VAL B 215 11.13 19.65 -27.72
CA VAL B 215 12.48 20.20 -27.85
C VAL B 215 13.44 19.05 -27.60
N ASP B 216 14.18 18.67 -28.66
CA ASP B 216 15.22 17.63 -28.77
C ASP B 216 14.98 16.40 -27.90
N LYS B 217 13.86 15.71 -28.19
CA LYS B 217 13.40 14.50 -27.49
C LYS B 217 13.06 14.83 -26.04
N VAL B 218 12.44 15.98 -25.86
CA VAL B 218 11.95 16.47 -24.57
C VAL B 218 10.51 16.91 -24.80
N ASN B 219 9.59 16.35 -24.03
CA ASN B 219 8.17 16.51 -24.27
C ASN B 219 7.65 17.71 -23.51
N PHE B 220 6.93 18.59 -24.20
CA PHE B 220 6.36 19.78 -23.56
C PHE B 220 4.85 19.77 -23.66
N HIS B 221 4.22 19.71 -22.50
CA HIS B 221 2.80 19.98 -22.33
C HIS B 221 2.66 20.94 -21.16
N MET B 222 2.15 22.13 -21.44
CA MET B 222 2.19 23.21 -20.47
C MET B 222 0.88 23.98 -20.51
N PHE B 223 0.62 24.72 -19.42
CA PHE B 223 -0.64 25.41 -19.20
C PHE B 223 -0.38 26.90 -19.00
N ASP B 224 -1.06 27.73 -19.78
CA ASP B 224 -1.22 29.13 -19.42
C ASP B 224 -2.50 29.26 -18.63
N VAL B 225 -2.40 29.92 -17.47
CA VAL B 225 -3.54 30.08 -16.58
C VAL B 225 -3.69 31.56 -16.28
N GLY B 226 -4.93 32.03 -16.21
CA GLY B 226 -5.18 33.43 -15.91
C GLY B 226 -4.78 33.80 -14.49
N GLY B 227 -4.59 35.09 -14.28
CA GLY B 227 -4.11 35.60 -13.02
C GLY B 227 -5.00 36.64 -12.37
N GLN B 228 -6.19 36.84 -12.91
CA GLN B 228 -7.13 37.72 -12.27
C GLN B 228 -7.73 37.04 -11.05
N ARG B 229 -8.36 37.84 -10.18
CA ARG B 229 -8.74 37.37 -8.85
C ARG B 229 -9.81 36.29 -8.92
N ASP B 230 -10.88 36.55 -9.69
CA ASP B 230 -11.97 35.59 -9.83
C ASP B 230 -11.54 34.32 -10.53
N GLU B 231 -10.47 34.36 -11.32
CA GLU B 231 -9.98 33.14 -11.94
C GLU B 231 -9.16 32.29 -10.98
N ARG B 232 -8.85 32.82 -9.78
CA ARG B 232 -7.97 32.11 -8.86
C ARG B 232 -8.63 30.88 -8.25
N ARG B 233 -9.94 30.76 -8.35
CA ARG B 233 -10.62 29.53 -8.01
C ARG B 233 -10.29 28.40 -8.97
N LYS B 234 -9.72 28.70 -10.13
CA LYS B 234 -9.36 27.68 -11.11
C LYS B 234 -7.91 27.23 -11.02
N TRP B 235 -7.14 27.74 -10.06
CA TRP B 235 -5.71 27.40 -10.08
C TRP B 235 -5.45 26.02 -9.50
N ILE B 236 -6.34 25.52 -8.65
CA ILE B 236 -6.16 24.19 -8.08
C ILE B 236 -6.42 23.10 -9.10
N GLN B 237 -7.08 23.45 -10.22
CA GLN B 237 -7.32 22.51 -11.31
C GLN B 237 -6.02 22.01 -11.90
N CYS B 238 -4.97 22.81 -11.87
CA CYS B 238 -3.66 22.36 -12.32
C CYS B 238 -2.70 22.14 -11.15
N PHE B 239 -3.22 21.84 -9.97
CA PHE B 239 -2.34 21.39 -8.89
C PHE B 239 -2.11 19.89 -8.89
N ASN B 240 -2.62 19.18 -9.89
CA ASN B 240 -2.44 17.73 -9.94
C ASN B 240 -1.03 17.46 -10.43
N ASP B 241 -0.14 17.18 -9.47
CA ASP B 241 1.23 16.62 -9.54
C ASP B 241 2.03 17.04 -10.77
N VAL B 242 2.03 18.33 -11.08
CA VAL B 242 2.75 18.82 -12.25
C VAL B 242 4.25 18.74 -11.99
N THR B 243 5.02 18.78 -13.07
CA THR B 243 6.47 18.60 -12.93
C THR B 243 7.12 19.79 -12.27
N ALA B 244 6.89 20.99 -12.81
CA ALA B 244 7.54 22.18 -12.30
C ALA B 244 6.59 23.36 -12.30
N ILE B 245 6.92 24.35 -11.47
CA ILE B 245 6.10 25.53 -11.30
C ILE B 245 7.00 26.75 -11.52
N ILE B 246 6.63 27.58 -12.47
CA ILE B 246 7.42 28.72 -12.87
C ILE B 246 6.61 29.97 -12.63
N PHE B 247 7.18 30.94 -11.93
CA PHE B 247 6.44 32.07 -11.40
C PHE B 247 6.99 33.34 -12.01
N VAL B 248 6.11 34.27 -12.37
CA VAL B 248 6.47 35.47 -13.14
C VAL B 248 5.80 36.67 -12.50
N VAL B 249 6.57 37.72 -12.22
CA VAL B 249 6.05 38.99 -11.72
C VAL B 249 6.63 40.12 -12.56
N ALA B 250 5.79 41.06 -12.95
CA ALA B 250 6.23 42.24 -13.68
C ALA B 250 7.09 43.13 -12.78
N SER B 251 8.20 43.63 -13.32
CA SER B 251 9.20 44.29 -12.49
C SER B 251 8.75 45.67 -12.07
N SER B 252 8.20 46.45 -13.00
CA SER B 252 7.89 47.84 -12.73
C SER B 252 6.65 48.03 -11.87
N SER B 253 6.02 46.95 -11.43
CA SER B 253 4.78 47.03 -10.67
C SER B 253 5.03 47.33 -9.21
N TYR B 254 5.75 48.41 -8.94
CA TYR B 254 6.01 48.89 -7.59
C TYR B 254 5.38 50.24 -7.33
N ASN B 255 4.65 50.77 -8.29
CA ASN B 255 3.91 52.01 -8.14
C ASN B 255 2.53 51.91 -8.76
N MET B 256 2.07 50.70 -9.07
CA MET B 256 0.78 50.47 -9.69
C MET B 256 -0.01 49.48 -8.86
N VAL B 257 -1.29 49.36 -9.20
CA VAL B 257 -2.26 48.59 -8.44
C VAL B 257 -2.97 47.63 -9.40
N ILE B 258 -3.72 46.72 -8.83
CA ILE B 258 -4.49 45.76 -9.60
C ILE B 258 -5.84 46.35 -9.97
N ARG B 259 -6.47 45.77 -10.99
CA ARG B 259 -7.74 46.27 -11.50
C ARG B 259 -8.91 45.89 -10.62
N GLU B 260 -8.70 45.07 -9.60
CA GLU B 260 -9.78 44.70 -8.69
C GLU B 260 -10.13 45.84 -7.74
N ASP B 261 -9.16 46.28 -6.92
CA ASP B 261 -9.45 47.30 -5.93
C ASP B 261 -9.01 48.70 -6.34
N ASN B 262 -7.96 48.78 -7.18
CA ASN B 262 -7.24 50.01 -7.49
C ASN B 262 -6.74 50.70 -6.21
N GLN B 263 -6.29 49.89 -5.26
CA GLN B 263 -5.94 50.42 -3.94
C GLN B 263 -4.62 49.93 -3.36
N THR B 264 -4.08 48.79 -3.78
CA THR B 264 -2.91 48.22 -3.14
C THR B 264 -1.93 47.74 -4.22
N ASN B 265 -0.64 47.85 -3.91
CA ASN B 265 0.42 47.70 -4.89
C ASN B 265 0.50 46.26 -5.42
N ARG B 266 0.75 46.14 -6.72
CA ARG B 266 0.87 44.84 -7.37
C ARG B 266 2.05 44.03 -6.86
N LEU B 267 3.08 44.72 -6.38
CA LEU B 267 4.24 44.01 -5.86
C LEU B 267 3.91 43.31 -4.55
N GLN B 268 3.18 43.99 -3.66
CA GLN B 268 2.74 43.35 -2.42
C GLN B 268 1.67 42.31 -2.69
N GLU B 269 0.90 42.50 -3.76
CA GLU B 269 0.03 41.46 -4.27
C GLU B 269 0.83 40.22 -4.64
N ALA B 270 1.98 40.42 -5.28
CA ALA B 270 2.83 39.29 -5.67
C ALA B 270 3.44 38.62 -4.45
N LEU B 271 3.83 39.40 -3.44
CA LEU B 271 4.38 38.81 -2.23
C LEU B 271 3.33 38.00 -1.47
N ASN B 272 2.10 38.53 -1.42
CA ASN B 272 0.99 37.80 -0.82
C ASN B 272 0.72 36.51 -1.58
N LEU B 273 0.82 36.56 -2.91
CA LEU B 273 0.55 35.37 -3.70
C LEU B 273 1.64 34.32 -3.48
N PHE B 274 2.90 34.75 -3.42
CA PHE B 274 3.99 33.82 -3.20
C PHE B 274 3.94 33.24 -1.80
N LYS B 275 3.48 34.01 -0.83
CA LYS B 275 3.31 33.45 0.50
C LYS B 275 2.17 32.45 0.53
N SER B 276 1.09 32.74 -0.18
CA SER B 276 -0.07 31.86 -0.16
C SER B 276 0.21 30.54 -0.88
N ILE B 277 1.09 30.55 -1.88
CA ILE B 277 1.42 29.27 -2.48
C ILE B 277 2.54 28.59 -1.71
N TRP B 278 3.39 29.37 -1.06
CA TRP B 278 4.67 28.87 -0.58
C TRP B 278 4.54 28.02 0.68
N ASN B 279 3.43 28.14 1.39
CA ASN B 279 3.25 27.43 2.65
C ASN B 279 2.12 26.41 2.56
N ASN B 280 1.73 26.03 1.35
CA ASN B 280 0.57 25.18 1.15
C ASN B 280 0.84 23.75 1.60
N ARG B 281 -0.22 23.06 1.98
CA ARG B 281 -0.18 21.62 2.14
C ARG B 281 -0.46 20.86 0.84
N TRP B 282 -0.29 21.50 -0.31
CA TRP B 282 -0.34 20.79 -1.57
C TRP B 282 0.81 21.11 -2.49
N LEU B 283 1.73 21.99 -2.09
CA LEU B 283 2.74 22.47 -3.01
C LEU B 283 4.16 22.19 -2.52
N ARG B 284 4.31 21.32 -1.53
CA ARG B 284 5.59 21.16 -0.87
C ARG B 284 6.58 20.30 -1.64
N THR B 285 6.16 19.68 -2.75
CA THR B 285 7.02 18.72 -3.44
C THR B 285 7.50 19.22 -4.79
N ILE B 286 7.30 20.48 -5.10
CA ILE B 286 7.72 21.01 -6.40
C ILE B 286 8.59 22.23 -6.16
N SER B 287 9.80 22.19 -6.69
CA SER B 287 10.64 23.37 -6.68
C SER B 287 10.12 24.39 -7.68
N VAL B 288 10.32 25.66 -7.36
CA VAL B 288 9.75 26.76 -8.12
C VAL B 288 10.88 27.54 -8.80
N ILE B 289 10.74 27.79 -10.08
CA ILE B 289 11.68 28.62 -10.82
C ILE B 289 11.07 30.00 -10.97
N LEU B 290 11.78 31.01 -10.50
CA LEU B 290 11.20 32.33 -10.27
C LEU B 290 11.70 33.28 -11.35
N PHE B 291 10.81 33.62 -12.29
CA PHE B 291 11.16 34.62 -13.29
C PHE B 291 10.75 36.00 -12.82
N LEU B 292 11.49 37.01 -13.27
CA LEU B 292 11.18 38.40 -12.97
C LEU B 292 11.18 39.14 -14.30
N ASN B 293 10.02 39.22 -14.92
CA ASN B 293 9.91 39.73 -16.27
C ASN B 293 9.94 41.26 -16.25
N LYS B 294 9.99 41.85 -17.46
CA LYS B 294 9.95 43.29 -17.72
C LYS B 294 11.15 44.00 -17.11
N GLN B 295 12.34 43.49 -17.47
CA GLN B 295 13.60 44.06 -17.03
C GLN B 295 13.76 45.48 -17.52
N ASP B 296 13.59 45.68 -18.82
CA ASP B 296 13.93 46.94 -19.47
C ASP B 296 12.98 48.06 -19.10
N LEU B 297 11.73 47.73 -18.77
CA LEU B 297 10.80 48.77 -18.33
C LEU B 297 11.20 49.30 -16.98
N LEU B 298 11.68 48.42 -16.11
CA LEU B 298 12.30 48.84 -14.87
C LEU B 298 13.55 49.64 -15.13
N ALA B 299 14.29 49.29 -16.18
CA ALA B 299 15.52 50.01 -16.51
C ALA B 299 15.22 51.44 -16.95
N GLU B 300 14.19 51.62 -17.78
CA GLU B 300 13.86 52.97 -18.20
C GLU B 300 13.14 53.75 -17.10
N LYS B 301 12.56 53.06 -16.12
CA LYS B 301 12.04 53.80 -14.97
C LYS B 301 13.16 54.20 -14.02
N VAL B 302 14.26 53.43 -14.01
CA VAL B 302 15.47 53.87 -13.33
C VAL B 302 16.06 55.09 -14.02
N LEU B 303 16.12 55.05 -15.35
CA LEU B 303 16.56 56.22 -16.13
C LEU B 303 15.63 57.40 -15.95
N ALA B 304 14.34 57.14 -15.73
CA ALA B 304 13.44 58.20 -15.29
C ALA B 304 13.87 58.73 -13.93
N GLY B 305 14.15 57.82 -13.00
CA GLY B 305 14.51 58.22 -11.65
C GLY B 305 13.42 58.93 -10.90
N LYS B 306 12.17 58.73 -11.31
CA LYS B 306 11.05 59.47 -10.75
C LYS B 306 10.28 58.64 -9.74
N SER B 307 10.30 57.33 -9.89
CA SER B 307 9.59 56.42 -9.02
C SER B 307 10.60 55.74 -8.10
N LYS B 308 10.29 55.71 -6.81
CA LYS B 308 11.17 55.12 -5.82
C LYS B 308 10.42 54.02 -5.08
N ILE B 309 11.05 52.86 -4.96
CA ILE B 309 10.44 51.85 -4.09
C ILE B 309 10.65 52.23 -2.64
N GLU B 310 11.81 52.81 -2.32
CA GLU B 310 12.15 53.11 -0.93
C GLU B 310 11.28 54.19 -0.33
N ASP B 311 10.73 55.08 -1.15
CA ASP B 311 9.75 56.03 -0.64
C ASP B 311 8.42 55.37 -0.38
N TYR B 312 8.17 54.22 -1.02
CA TYR B 312 6.97 53.41 -0.77
C TYR B 312 7.29 52.28 0.22
N PHE B 313 8.26 51.43 -0.13
CA PHE B 313 8.70 50.30 0.68
C PHE B 313 10.05 50.68 1.27
N PRO B 314 10.10 51.14 2.52
CA PRO B 314 11.37 51.64 3.08
C PRO B 314 12.37 50.56 3.47
N GLU B 315 12.09 49.31 3.10
CA GLU B 315 13.09 48.26 3.15
C GLU B 315 14.26 48.60 2.27
N PHE B 316 13.99 49.25 1.13
CA PHE B 316 15.03 49.64 0.20
C PHE B 316 15.80 50.86 0.65
N ALA B 317 15.30 51.58 1.67
CA ALA B 317 15.88 52.86 2.05
C ALA B 317 17.26 52.71 2.67
N ARG B 318 17.40 51.90 3.72
CA ARG B 318 18.70 51.63 4.31
C ARG B 318 19.34 50.38 3.74
N TYR B 319 18.78 49.86 2.66
CA TYR B 319 19.29 48.66 2.03
C TYR B 319 20.67 48.90 1.42
N THR B 320 21.47 47.83 1.35
CA THR B 320 22.78 47.88 0.74
C THR B 320 22.83 46.82 -0.35
N THR B 321 23.78 46.98 -1.26
CA THR B 321 23.86 46.06 -2.38
C THR B 321 24.46 44.72 -1.95
N PRO B 322 24.00 43.63 -2.53
CA PRO B 322 24.59 42.32 -2.24
C PRO B 322 25.90 42.13 -2.94
N GLU B 323 26.83 41.51 -2.23
CA GLU B 323 28.20 41.32 -2.70
C GLU B 323 28.40 40.01 -3.44
N ASP B 324 27.39 39.15 -3.46
CA ASP B 324 27.44 37.89 -4.17
C ASP B 324 26.89 38.01 -5.59
N ALA B 325 27.02 39.17 -6.20
CA ALA B 325 26.36 39.46 -7.46
C ALA B 325 27.11 38.85 -8.64
N THR B 326 26.48 38.96 -9.81
CA THR B 326 27.08 38.59 -11.10
C THR B 326 26.56 39.56 -12.16
N PRO B 327 27.36 40.55 -12.52
CA PRO B 327 26.84 41.77 -13.15
C PRO B 327 26.52 41.58 -14.63
N GLU B 328 26.18 42.66 -15.23
CA GLU B 328 25.78 42.93 -16.60
C GLU B 328 26.65 44.04 -17.18
N PRO B 329 26.88 44.06 -18.50
CA PRO B 329 27.81 45.04 -19.08
C PRO B 329 27.23 46.43 -19.11
N GLY B 330 28.00 47.41 -18.64
CA GLY B 330 27.57 48.79 -18.59
C GLY B 330 26.41 48.99 -17.65
N GLU B 331 26.66 48.86 -16.36
CA GLU B 331 25.57 48.65 -15.41
C GLU B 331 25.57 49.72 -14.33
N ASP B 332 24.44 50.38 -14.19
CA ASP B 332 24.24 51.36 -13.14
C ASP B 332 24.03 50.59 -11.85
N PRO B 333 24.72 50.91 -10.76
CA PRO B 333 24.55 50.14 -9.52
C PRO B 333 23.17 50.27 -8.87
N ARG B 334 22.43 51.33 -9.16
CA ARG B 334 21.06 51.44 -8.65
C ARG B 334 20.14 50.42 -9.32
N VAL B 335 20.41 50.08 -10.58
CA VAL B 335 19.71 48.98 -11.24
C VAL B 335 20.01 47.68 -10.52
N THR B 336 21.27 47.49 -10.16
CA THR B 336 21.71 46.23 -9.55
C THR B 336 21.13 46.09 -8.16
N ARG B 337 21.16 47.17 -7.39
CA ARG B 337 20.56 47.18 -6.06
C ARG B 337 19.04 47.04 -6.15
N ALA B 338 18.45 47.46 -7.28
CA ALA B 338 17.03 47.24 -7.48
C ALA B 338 16.72 45.76 -7.69
N LYS B 339 17.32 45.15 -8.71
CA LYS B 339 16.98 43.78 -9.07
C LYS B 339 17.43 42.79 -8.00
N TYR B 340 18.55 43.08 -7.34
CA TYR B 340 18.98 42.26 -6.23
C TYR B 340 18.17 42.55 -4.99
N PHE B 341 17.60 43.74 -4.90
CA PHE B 341 16.69 44.00 -3.79
C PHE B 341 15.44 43.16 -3.90
N ILE B 342 14.80 43.16 -5.07
CA ILE B 342 13.56 42.41 -5.22
C ILE B 342 13.84 40.91 -5.21
N ARG B 343 14.99 40.52 -5.76
CA ARG B 343 15.45 39.14 -5.66
C ARG B 343 15.58 38.72 -4.21
N ASP B 344 16.18 39.58 -3.38
CA ASP B 344 16.24 39.29 -1.96
C ASP B 344 14.87 39.39 -1.29
N GLU B 345 13.93 40.12 -1.88
CA GLU B 345 12.62 40.23 -1.27
C GLU B 345 11.83 38.94 -1.40
N PHE B 346 11.86 38.33 -2.59
CA PHE B 346 11.19 37.04 -2.72
C PHE B 346 12.00 35.93 -2.06
N LEU B 347 13.32 35.99 -2.16
CA LEU B 347 14.16 34.97 -1.54
C LEU B 347 14.06 35.02 -0.02
N ARG B 348 13.79 36.20 0.53
CA ARG B 348 13.54 36.33 1.96
C ARG B 348 12.27 35.58 2.36
N ILE B 349 11.29 35.56 1.47
CA ILE B 349 10.11 34.76 1.75
C ILE B 349 10.43 33.29 1.54
N SER B 350 11.37 32.98 0.65
CA SER B 350 11.77 31.59 0.47
C SER B 350 12.62 31.07 1.62
N THR B 351 13.18 31.96 2.43
CA THR B 351 13.95 31.55 3.60
C THR B 351 13.07 30.92 4.66
N ALA B 352 11.82 31.36 4.76
CA ALA B 352 10.96 31.04 5.90
C ALA B 352 10.52 29.58 5.96
N SER B 353 10.70 28.81 4.90
CA SER B 353 10.20 27.44 4.90
C SER B 353 11.00 26.60 3.92
N GLY B 354 10.46 25.44 3.58
CA GLY B 354 10.98 24.56 2.55
C GLY B 354 11.37 23.19 3.08
N ASP B 355 12.08 23.15 4.21
CA ASP B 355 12.53 21.92 4.88
C ASP B 355 13.31 21.00 3.94
N GLY B 356 14.03 21.58 2.98
CA GLY B 356 14.69 20.82 1.95
C GLY B 356 13.77 20.09 0.98
N ARG B 357 12.47 20.36 1.00
CA ARG B 357 11.52 19.64 0.17
C ARG B 357 11.26 20.39 -1.13
N HIS B 358 10.73 21.61 -1.03
CA HIS B 358 10.50 22.47 -2.17
C HIS B 358 11.50 23.62 -2.14
N TYR B 359 12.09 23.89 -3.29
CA TYR B 359 13.23 24.77 -3.40
C TYR B 359 12.79 26.11 -4.00
N CYS B 360 13.76 26.97 -4.28
CA CYS B 360 13.48 28.27 -4.86
C CYS B 360 14.66 28.65 -5.73
N TYR B 361 14.42 28.82 -7.04
CA TYR B 361 15.48 29.01 -8.02
C TYR B 361 15.31 30.34 -8.73
N PRO B 362 15.95 31.40 -8.24
CA PRO B 362 15.80 32.73 -8.82
C PRO B 362 16.68 32.92 -10.06
N HIS B 363 16.04 33.01 -11.22
CA HIS B 363 16.72 33.32 -12.45
C HIS B 363 16.11 34.62 -12.99
N PHE B 364 16.59 35.07 -14.13
CA PHE B 364 16.08 36.34 -14.66
C PHE B 364 15.85 36.24 -16.16
N THR B 365 14.93 37.08 -16.63
CA THR B 365 14.48 37.09 -18.01
C THR B 365 13.68 38.36 -18.30
N CYS B 366 13.67 38.73 -19.56
CA CYS B 366 12.74 39.72 -20.09
C CYS B 366 12.12 39.11 -21.35
N ALA B 367 10.93 39.60 -21.69
CA ALA B 367 10.18 38.97 -22.78
C ALA B 367 10.57 39.46 -24.17
N VAL B 368 11.73 40.10 -24.33
CA VAL B 368 12.16 40.62 -25.61
C VAL B 368 13.49 40.04 -26.06
N ASP B 369 14.00 39.03 -25.36
CA ASP B 369 15.26 38.38 -25.72
C ASP B 369 15.00 36.93 -26.10
N THR B 370 15.42 36.57 -27.30
CA THR B 370 15.41 35.17 -27.71
C THR B 370 16.48 34.39 -26.97
N GLU B 371 17.65 35.02 -26.79
CA GLU B 371 18.79 34.34 -26.21
C GLU B 371 18.58 34.07 -24.73
N ASN B 372 17.80 34.89 -24.05
CA ASN B 372 17.59 34.68 -22.63
C ASN B 372 16.66 33.49 -22.41
N ILE B 373 15.58 33.41 -23.18
CA ILE B 373 14.67 32.26 -23.13
C ILE B 373 15.42 31.00 -23.48
N ARG B 374 16.30 31.10 -24.48
CA ARG B 374 17.23 30.05 -24.84
C ARG B 374 18.05 29.58 -23.64
N ARG B 375 18.80 30.51 -23.03
CA ARG B 375 19.75 30.15 -21.98
C ARG B 375 19.04 29.64 -20.73
N VAL B 376 18.24 30.50 -20.09
CA VAL B 376 17.68 30.11 -18.80
C VAL B 376 16.60 29.08 -18.97
N PHE B 377 16.02 28.94 -20.16
CA PHE B 377 15.08 27.84 -20.31
C PHE B 377 15.77 26.53 -20.60
N ASN B 378 16.97 26.55 -21.19
CA ASN B 378 17.75 25.33 -21.26
C ASN B 378 18.23 24.91 -19.88
N ASP B 379 18.60 25.89 -19.06
CA ASP B 379 18.92 25.62 -17.67
C ASP B 379 17.70 25.09 -16.93
N CYS B 380 16.52 25.62 -17.27
CA CYS B 380 15.27 25.07 -16.75
C CYS B 380 15.09 23.62 -17.17
N ARG B 381 15.49 23.28 -18.39
CA ARG B 381 15.40 21.89 -18.83
C ARG B 381 16.36 21.00 -18.06
N ASP B 382 17.49 21.56 -17.65
CA ASP B 382 18.45 20.82 -16.82
C ASP B 382 17.87 20.54 -15.44
N ILE B 383 17.34 21.58 -14.82
CA ILE B 383 16.84 21.47 -13.45
C ILE B 383 15.58 20.60 -13.40
N ILE B 384 14.70 20.73 -14.39
CA ILE B 384 13.55 19.84 -14.44
C ILE B 384 13.94 18.45 -14.93
N GLN B 385 15.13 18.27 -15.47
CA GLN B 385 15.59 16.91 -15.68
C GLN B 385 15.96 16.28 -14.34
N ARG B 386 16.61 17.06 -13.47
CA ARG B 386 16.94 16.58 -12.13
C ARG B 386 15.68 16.26 -11.32
N MET B 387 14.75 17.23 -11.24
CA MET B 387 13.53 17.00 -10.49
C MET B 387 12.59 16.03 -11.18
N HIS B 388 12.68 15.94 -12.51
CA HIS B 388 11.89 14.96 -13.25
C HIS B 388 12.35 13.56 -12.92
N LEU B 389 13.63 13.40 -12.56
CA LEU B 389 14.11 12.16 -11.96
C LEU B 389 14.57 12.39 -10.52
N ARG B 390 13.78 13.11 -9.73
CA ARG B 390 14.13 13.29 -8.32
C ARG B 390 13.87 12.02 -7.52
N GLN B 391 12.68 11.44 -7.63
CA GLN B 391 12.29 10.33 -6.76
C GLN B 391 13.02 9.05 -7.17
#